data_2C55
# 
_entry.id   2C55 
# 
_audit_conform.dict_name       mmcif_pdbx.dic 
_audit_conform.dict_version    5.392 
_audit_conform.dict_location   http://mmcif.pdb.org/dictionaries/ascii/mmcif_pdbx.dic 
# 
loop_
_database_2.database_id 
_database_2.database_code 
_database_2.pdbx_database_accession 
_database_2.pdbx_DOI 
PDB   2C55         pdb_00002c55 10.2210/pdb2c55/pdb 
PDBE  EBI-26163    ?            ?                   
WWPDB D_1290026163 ?            ?                   
# 
loop_
_pdbx_audit_revision_history.ordinal 
_pdbx_audit_revision_history.data_content_type 
_pdbx_audit_revision_history.major_revision 
_pdbx_audit_revision_history.minor_revision 
_pdbx_audit_revision_history.revision_date 
1 'Structure model' 1 0 2005-11-02 
2 'Structure model' 1 1 2011-05-08 
3 'Structure model' 1 2 2011-07-13 
4 'Structure model' 1 3 2024-05-15 
# 
_pdbx_audit_revision_details.ordinal             1 
_pdbx_audit_revision_details.revision_ordinal    1 
_pdbx_audit_revision_details.data_content_type   'Structure model' 
_pdbx_audit_revision_details.provider            repository 
_pdbx_audit_revision_details.type                'Initial release' 
_pdbx_audit_revision_details.description         ? 
_pdbx_audit_revision_details.details             ? 
# 
loop_
_pdbx_audit_revision_group.ordinal 
_pdbx_audit_revision_group.revision_ordinal 
_pdbx_audit_revision_group.data_content_type 
_pdbx_audit_revision_group.group 
1 2 'Structure model' 'Version format compliance' 
2 3 'Structure model' 'Version format compliance' 
3 4 'Structure model' 'Data collection'           
4 4 'Structure model' 'Database references'       
# 
loop_
_pdbx_audit_revision_category.ordinal 
_pdbx_audit_revision_category.revision_ordinal 
_pdbx_audit_revision_category.data_content_type 
_pdbx_audit_revision_category.category 
1 4 'Structure model' chem_comp_atom 
2 4 'Structure model' chem_comp_bond 
3 4 'Structure model' database_2     
# 
loop_
_pdbx_audit_revision_item.ordinal 
_pdbx_audit_revision_item.revision_ordinal 
_pdbx_audit_revision_item.data_content_type 
_pdbx_audit_revision_item.item 
1 4 'Structure model' '_database_2.pdbx_DOI'                
2 4 'Structure model' '_database_2.pdbx_database_accession' 
# 
_pdbx_database_status.status_code                     REL 
_pdbx_database_status.entry_id                        2C55 
_pdbx_database_status.deposit_site                    PDBE 
_pdbx_database_status.process_site                    PDBE 
_pdbx_database_status.SG_entry                        . 
_pdbx_database_status.recvd_initial_deposition_date   2005-10-25 
_pdbx_database_status.pdb_format_compatible           Y 
_pdbx_database_status.status_code_sf                  ? 
_pdbx_database_status.status_code_mr                  ? 
_pdbx_database_status.status_code_cs                  ? 
_pdbx_database_status.methods_development_category    ? 
_pdbx_database_status.status_code_nmr_data            ? 
# 
loop_
_audit_author.name 
_audit_author.pdbx_ordinal 
'Fossen, T.'   1 
'Wray, V.'     2 
'Bruns, K.'    3 
'Rachmat, J.'  4 
'Henklein, P.' 5 
'Tessmer, U.'  6 
'Maczurek, A.' 7 
'Klinger, P.'  8 
'Schubert, U.' 9 
# 
_citation.id                        primary 
_citation.title                     'Solution Structure of the Human Immunodeficiency Virus Type 1 P6 Protein.' 
_citation.journal_abbrev            J.Biol.Chem. 
_citation.journal_volume            280 
_citation.page_first                42515 
_citation.page_last                 ? 
_citation.year                      2005 
_citation.journal_id_ASTM           JBCHA3 
_citation.country                   US 
_citation.journal_id_ISSN           0021-9258 
_citation.journal_id_CSD            0071 
_citation.book_publisher            ? 
_citation.pdbx_database_id_PubMed   16234236 
_citation.pdbx_database_id_DOI      10.1074/JBC.M507375200 
# 
loop_
_citation_author.citation_id 
_citation_author.name 
_citation_author.ordinal 
_citation_author.identifier_ORCID 
primary 'Fossen, T.'   1 ? 
primary 'Wray, V.'     2 ? 
primary 'Bruns, K.'    3 ? 
primary 'Rachmat, J.'  4 ? 
primary 'Henklein, P.' 5 ? 
primary 'Tessmer, U.'  6 ? 
primary 'Maczurek, A.' 7 ? 
primary 'Klinger, P.'  8 ? 
primary 'Schubert, U.' 9 ? 
# 
_entity.id                         1 
_entity.type                       polymer 
_entity.src_method                 syn 
_entity.pdbx_description           'PROTEIN P6' 
_entity.formula_weight             5812.297 
_entity.pdbx_number_of_molecules   1 
_entity.pdbx_ec                    ? 
_entity.pdbx_mutation              ? 
_entity.pdbx_fragment              ? 
_entity.details                    'P6 SEQUENCE DERIVED FROM THE ISOLATE HIV-1NL4-3' 
# 
_entity_poly.entity_id                      1 
_entity_poly.type                           'polypeptide(L)' 
_entity_poly.nstd_linkage                   no 
_entity_poly.nstd_monomer                   no 
_entity_poly.pdbx_seq_one_letter_code       LQSRPEPTAPPEESFRFGEETTTPSQKQEPIDKELYPLASLRSLFGSDPSSQ 
_entity_poly.pdbx_seq_one_letter_code_can   LQSRPEPTAPPEESFRFGEETTTPSQKQEPIDKELYPLASLRSLFGSDPSSQ 
_entity_poly.pdbx_strand_id                 A 
_entity_poly.pdbx_target_identifier         ? 
# 
loop_
_entity_poly_seq.entity_id 
_entity_poly_seq.num 
_entity_poly_seq.mon_id 
_entity_poly_seq.hetero 
1 1  LEU n 
1 2  GLN n 
1 3  SER n 
1 4  ARG n 
1 5  PRO n 
1 6  GLU n 
1 7  PRO n 
1 8  THR n 
1 9  ALA n 
1 10 PRO n 
1 11 PRO n 
1 12 GLU n 
1 13 GLU n 
1 14 SER n 
1 15 PHE n 
1 16 ARG n 
1 17 PHE n 
1 18 GLY n 
1 19 GLU n 
1 20 GLU n 
1 21 THR n 
1 22 THR n 
1 23 THR n 
1 24 PRO n 
1 25 SER n 
1 26 GLN n 
1 27 LYS n 
1 28 GLN n 
1 29 GLU n 
1 30 PRO n 
1 31 ILE n 
1 32 ASP n 
1 33 LYS n 
1 34 GLU n 
1 35 LEU n 
1 36 TYR n 
1 37 PRO n 
1 38 LEU n 
1 39 ALA n 
1 40 SER n 
1 41 LEU n 
1 42 ARG n 
1 43 SER n 
1 44 LEU n 
1 45 PHE n 
1 46 GLY n 
1 47 SER n 
1 48 ASP n 
1 49 PRO n 
1 50 SER n 
1 51 SER n 
1 52 GLN n 
# 
_pdbx_entity_src_syn.entity_id              1 
_pdbx_entity_src_syn.pdbx_src_id            1 
_pdbx_entity_src_syn.pdbx_alt_source_flag   sample 
_pdbx_entity_src_syn.pdbx_beg_seq_num       ? 
_pdbx_entity_src_syn.pdbx_end_seq_num       ? 
_pdbx_entity_src_syn.organism_scientific    'HUMAN IMMUNODEFICIENCY VIRUS TYPE 1' 
_pdbx_entity_src_syn.organism_common_name   HIV-1 
_pdbx_entity_src_syn.ncbi_taxonomy_id       11676 
_pdbx_entity_src_syn.details                'P6 SEQUENCE DERIVED FROM THE ISOLATE HIV-1NL4-3' 
# 
loop_
_chem_comp.id 
_chem_comp.type 
_chem_comp.mon_nstd_flag 
_chem_comp.name 
_chem_comp.pdbx_synonyms 
_chem_comp.formula 
_chem_comp.formula_weight 
ALA 'L-peptide linking' y ALANINE         ? 'C3 H7 N O2'     89.093  
ARG 'L-peptide linking' y ARGININE        ? 'C6 H15 N4 O2 1' 175.209 
ASP 'L-peptide linking' y 'ASPARTIC ACID' ? 'C4 H7 N O4'     133.103 
GLN 'L-peptide linking' y GLUTAMINE       ? 'C5 H10 N2 O3'   146.144 
GLU 'L-peptide linking' y 'GLUTAMIC ACID' ? 'C5 H9 N O4'     147.129 
GLY 'peptide linking'   y GLYCINE         ? 'C2 H5 N O2'     75.067  
ILE 'L-peptide linking' y ISOLEUCINE      ? 'C6 H13 N O2'    131.173 
LEU 'L-peptide linking' y LEUCINE         ? 'C6 H13 N O2'    131.173 
LYS 'L-peptide linking' y LYSINE          ? 'C6 H15 N2 O2 1' 147.195 
PHE 'L-peptide linking' y PHENYLALANINE   ? 'C9 H11 N O2'    165.189 
PRO 'L-peptide linking' y PROLINE         ? 'C5 H9 N O2'     115.130 
SER 'L-peptide linking' y SERINE          ? 'C3 H7 N O3'     105.093 
THR 'L-peptide linking' y THREONINE       ? 'C4 H9 N O3'     119.119 
TYR 'L-peptide linking' y TYROSINE        ? 'C9 H11 N O3'    181.189 
# 
loop_
_pdbx_poly_seq_scheme.asym_id 
_pdbx_poly_seq_scheme.entity_id 
_pdbx_poly_seq_scheme.seq_id 
_pdbx_poly_seq_scheme.mon_id 
_pdbx_poly_seq_scheme.ndb_seq_num 
_pdbx_poly_seq_scheme.pdb_seq_num 
_pdbx_poly_seq_scheme.auth_seq_num 
_pdbx_poly_seq_scheme.pdb_mon_id 
_pdbx_poly_seq_scheme.auth_mon_id 
_pdbx_poly_seq_scheme.pdb_strand_id 
_pdbx_poly_seq_scheme.pdb_ins_code 
_pdbx_poly_seq_scheme.hetero 
A 1 1  LEU 1  1  1  LEU LEU A . n 
A 1 2  GLN 2  2  2  GLN GLN A . n 
A 1 3  SER 3  3  3  SER SER A . n 
A 1 4  ARG 4  4  4  ARG ARG A . n 
A 1 5  PRO 5  5  5  PRO PRO A . n 
A 1 6  GLU 6  6  6  GLU GLU A . n 
A 1 7  PRO 7  7  7  PRO PRO A . n 
A 1 8  THR 8  8  8  THR THR A . n 
A 1 9  ALA 9  9  9  ALA ALA A . n 
A 1 10 PRO 10 10 10 PRO PRO A . n 
A 1 11 PRO 11 11 11 PRO PRO A . n 
A 1 12 GLU 12 12 12 GLU GLU A . n 
A 1 13 GLU 13 13 13 GLU GLU A . n 
A 1 14 SER 14 14 14 SER SER A . n 
A 1 15 PHE 15 15 15 PHE PHE A . n 
A 1 16 ARG 16 16 16 ARG ARG A . n 
A 1 17 PHE 17 17 17 PHE PHE A . n 
A 1 18 GLY 18 18 18 GLY GLY A . n 
A 1 19 GLU 19 19 19 GLU GLU A . n 
A 1 20 GLU 20 20 20 GLU GLU A . n 
A 1 21 THR 21 21 21 THR THR A . n 
A 1 22 THR 22 22 22 THR THR A . n 
A 1 23 THR 23 23 23 THR THR A . n 
A 1 24 PRO 24 24 24 PRO PRO A . n 
A 1 25 SER 25 25 25 SER SER A . n 
A 1 26 GLN 26 26 26 GLN GLN A . n 
A 1 27 LYS 27 27 27 LYS LYS A . n 
A 1 28 GLN 28 28 28 GLN GLN A . n 
A 1 29 GLU 29 29 29 GLU GLU A . n 
A 1 30 PRO 30 30 30 PRO PRO A . n 
A 1 31 ILE 31 31 31 ILE ILE A . n 
A 1 32 ASP 32 32 32 ASP ASP A . n 
A 1 33 LYS 33 33 33 LYS LYS A . n 
A 1 34 GLU 34 34 34 GLU GLU A . n 
A 1 35 LEU 35 35 35 LEU LEU A . n 
A 1 36 TYR 36 36 36 TYR TYR A . n 
A 1 37 PRO 37 37 37 PRO PRO A . n 
A 1 38 LEU 38 38 38 LEU LEU A . n 
A 1 39 ALA 39 39 39 ALA ALA A . n 
A 1 40 SER 40 40 40 SER SER A . n 
A 1 41 LEU 41 41 41 LEU LEU A . n 
A 1 42 ARG 42 42 42 ARG ARG A . n 
A 1 43 SER 43 43 43 SER SER A . n 
A 1 44 LEU 44 44 44 LEU LEU A . n 
A 1 45 PHE 45 45 45 PHE PHE A . n 
A 1 46 GLY 46 46 46 GLY GLY A . n 
A 1 47 SER 47 47 47 SER SER A . n 
A 1 48 ASP 48 48 48 ASP ASP A . n 
A 1 49 PRO 49 49 49 PRO PRO A . n 
A 1 50 SER 50 50 50 SER SER A . n 
A 1 51 SER 51 51 51 SER SER A . n 
A 1 52 GLN 52 52 52 GLN GLN A . n 
# 
_cell.entry_id           2C55 
_cell.length_a           1.000 
_cell.length_b           1.000 
_cell.length_c           1.000 
_cell.angle_alpha        90.00 
_cell.angle_beta         90.00 
_cell.angle_gamma        90.00 
_cell.Z_PDB              1 
_cell.pdbx_unique_axis   ? 
# 
_symmetry.entry_id                         2C55 
_symmetry.space_group_name_H-M             'P 1' 
_symmetry.pdbx_full_space_group_name_H-M   ? 
_symmetry.cell_setting                     ? 
_symmetry.Int_Tables_number                1 
# 
_exptl.entry_id          2C55 
_exptl.method            'SOLUTION NMR' 
_exptl.crystals_number   ? 
# 
_struct.entry_id                  2C55 
_struct.title                     'Solution Structure of the Human Immunodeficiency Virus Type 1 p6 Protein' 
_struct.pdbx_model_details        ? 
_struct.pdbx_CASP_flag            ? 
_struct.pdbx_model_type_details   'MINIMIZED AVERAGE' 
# 
_struct_keywords.entry_id        2C55 
_struct_keywords.pdbx_keywords   'VIRAL PROTEIN' 
_struct_keywords.text            
;P6, HIV-1, P6-GAG, AIDS, CORE PROTEIN, LIPOPROTEIN, MEMBRANE, METAL-BINDING, MYRISTATE, PHOSPHORYLATION, POLYPROTEIN, RNA-BINDING, VIRAL NUCLEOPROTEIN, ZINC, ZINC-FINGER, VIRAL PROTEIN
;
# 
_struct_asym.id                            A 
_struct_asym.pdbx_blank_PDB_chainid_flag   N 
_struct_asym.pdbx_modified                 N 
_struct_asym.entity_id                     1 
_struct_asym.details                       ? 
# 
_struct_ref.id                         1 
_struct_ref.db_name                    UNP 
_struct_ref.db_code                    GAG_HV1N5 
_struct_ref.entity_id                  1 
_struct_ref.pdbx_seq_one_letter_code   ? 
_struct_ref.pdbx_align_begin           ? 
_struct_ref.pdbx_db_accession          P12493 
_struct_ref.pdbx_db_isoform            ? 
# 
_struct_ref_seq.align_id                      1 
_struct_ref_seq.ref_id                        1 
_struct_ref_seq.pdbx_PDB_id_code              2C55 
_struct_ref_seq.pdbx_strand_id                A 
_struct_ref_seq.seq_align_beg                 1 
_struct_ref_seq.pdbx_seq_align_beg_ins_code   ? 
_struct_ref_seq.seq_align_end                 52 
_struct_ref_seq.pdbx_seq_align_end_ins_code   ? 
_struct_ref_seq.pdbx_db_accession             P12493 
_struct_ref_seq.db_align_beg                  448 
_struct_ref_seq.pdbx_db_align_beg_ins_code    ? 
_struct_ref_seq.db_align_end                  499 
_struct_ref_seq.pdbx_db_align_end_ins_code    ? 
_struct_ref_seq.pdbx_auth_seq_align_beg       1 
_struct_ref_seq.pdbx_auth_seq_align_end       52 
# 
_pdbx_struct_assembly.id                   1 
_pdbx_struct_assembly.details              author_defined_assembly 
_pdbx_struct_assembly.method_details       ? 
_pdbx_struct_assembly.oligomeric_details   monomeric 
_pdbx_struct_assembly.oligomeric_count     1 
# 
_pdbx_struct_assembly_gen.assembly_id       1 
_pdbx_struct_assembly_gen.oper_expression   1 
_pdbx_struct_assembly_gen.asym_id_list      A 
# 
_pdbx_struct_oper_list.id                   1 
_pdbx_struct_oper_list.type                 'identity operation' 
_pdbx_struct_oper_list.name                 1_555 
_pdbx_struct_oper_list.symmetry_operation   x,y,z 
_pdbx_struct_oper_list.matrix[1][1]         1.0000000000 
_pdbx_struct_oper_list.matrix[1][2]         0.0000000000 
_pdbx_struct_oper_list.matrix[1][3]         0.0000000000 
_pdbx_struct_oper_list.vector[1]            0.0000000000 
_pdbx_struct_oper_list.matrix[2][1]         0.0000000000 
_pdbx_struct_oper_list.matrix[2][2]         1.0000000000 
_pdbx_struct_oper_list.matrix[2][3]         0.0000000000 
_pdbx_struct_oper_list.vector[2]            0.0000000000 
_pdbx_struct_oper_list.matrix[3][1]         0.0000000000 
_pdbx_struct_oper_list.matrix[3][2]         0.0000000000 
_pdbx_struct_oper_list.matrix[3][3]         1.0000000000 
_pdbx_struct_oper_list.vector[3]            0.0000000000 
# 
_struct_biol.id   1 
# 
loop_
_struct_conf.conf_type_id 
_struct_conf.id 
_struct_conf.pdbx_PDB_helix_id 
_struct_conf.beg_label_comp_id 
_struct_conf.beg_label_asym_id 
_struct_conf.beg_label_seq_id 
_struct_conf.pdbx_beg_PDB_ins_code 
_struct_conf.end_label_comp_id 
_struct_conf.end_label_asym_id 
_struct_conf.end_label_seq_id 
_struct_conf.pdbx_end_PDB_ins_code 
_struct_conf.beg_auth_comp_id 
_struct_conf.beg_auth_asym_id 
_struct_conf.beg_auth_seq_id 
_struct_conf.end_auth_comp_id 
_struct_conf.end_auth_asym_id 
_struct_conf.end_auth_seq_id 
_struct_conf.pdbx_PDB_helix_class 
_struct_conf.details 
_struct_conf.pdbx_PDB_helix_length 
HELX_P HELX_P1 1 PHE A 17 ? THR A 21 ? PHE A 17 THR A 21 5 ? 5 
HELX_P HELX_P2 2 LEU A 38 ? SER A 43 ? LEU A 38 SER A 43 5 ? 6 
HELX_P HELX_P3 3 SER A 43 ? SER A 47 ? SER A 43 SER A 47 5 ? 5 
# 
_struct_conf_type.id          HELX_P 
_struct_conf_type.criteria    ? 
_struct_conf_type.reference   ? 
# 
_pdbx_validate_rmsd_angle.id                         1 
_pdbx_validate_rmsd_angle.PDB_model_num              1 
_pdbx_validate_rmsd_angle.auth_atom_id_1             NE 
_pdbx_validate_rmsd_angle.auth_asym_id_1             A 
_pdbx_validate_rmsd_angle.auth_comp_id_1             ARG 
_pdbx_validate_rmsd_angle.auth_seq_id_1              16 
_pdbx_validate_rmsd_angle.PDB_ins_code_1             ? 
_pdbx_validate_rmsd_angle.label_alt_id_1             ? 
_pdbx_validate_rmsd_angle.auth_atom_id_2             CZ 
_pdbx_validate_rmsd_angle.auth_asym_id_2             A 
_pdbx_validate_rmsd_angle.auth_comp_id_2             ARG 
_pdbx_validate_rmsd_angle.auth_seq_id_2              16 
_pdbx_validate_rmsd_angle.PDB_ins_code_2             ? 
_pdbx_validate_rmsd_angle.label_alt_id_2             ? 
_pdbx_validate_rmsd_angle.auth_atom_id_3             NH1 
_pdbx_validate_rmsd_angle.auth_asym_id_3             A 
_pdbx_validate_rmsd_angle.auth_comp_id_3             ARG 
_pdbx_validate_rmsd_angle.auth_seq_id_3              16 
_pdbx_validate_rmsd_angle.PDB_ins_code_3             ? 
_pdbx_validate_rmsd_angle.label_alt_id_3             ? 
_pdbx_validate_rmsd_angle.angle_value                123.91 
_pdbx_validate_rmsd_angle.angle_target_value         120.30 
_pdbx_validate_rmsd_angle.angle_deviation            3.61 
_pdbx_validate_rmsd_angle.angle_standard_deviation   0.50 
_pdbx_validate_rmsd_angle.linker_flag                N 
# 
loop_
_pdbx_validate_torsion.id 
_pdbx_validate_torsion.PDB_model_num 
_pdbx_validate_torsion.auth_comp_id 
_pdbx_validate_torsion.auth_asym_id 
_pdbx_validate_torsion.auth_seq_id 
_pdbx_validate_torsion.PDB_ins_code 
_pdbx_validate_torsion.label_alt_id 
_pdbx_validate_torsion.phi 
_pdbx_validate_torsion.psi 
1  1 SER A 3  ? ? -103.10 -169.25 
2  1 ALA A 9  ? ? 63.31   132.59  
3  1 PRO A 10 ? ? -21.75  87.61   
4  1 PRO A 11 ? ? -93.27  58.48   
5  1 THR A 21 ? ? -97.67  40.48   
6  1 LYS A 27 ? ? 59.94   160.70  
7  1 GLN A 28 ? ? 58.54   173.44  
8  1 ASP A 32 ? ? -140.48 33.35   
9  1 LYS A 33 ? ? -135.00 -54.54  
10 1 SER A 47 ? ? -145.83 39.05   
11 1 SER A 50 ? ? -63.63  88.39   
# 
_pdbx_entry_details.entry_id                 2C55 
_pdbx_entry_details.compound_details         
;PARTICIPATES IN BUDDING OF THE ASSEMBLED PARTICLE BY
 INTERACTING WITH TSG101
;
_pdbx_entry_details.source_details           ? 
_pdbx_entry_details.nonpolymer_details       ? 
_pdbx_entry_details.sequence_details         'P6 SEQUENCE DERIVED FROM THE ISOLATE HIV-1NL4-3' 
_pdbx_entry_details.has_ligand_of_interest   ? 
# 
_pdbx_nmr_ensemble.entry_id                             2C55 
_pdbx_nmr_ensemble.conformers_calculated_total_number   104 
_pdbx_nmr_ensemble.conformers_submitted_total_number    1 
_pdbx_nmr_ensemble.conformer_selection_criteria         'LEAST RESTRAINT VIOLATION' 
# 
_pdbx_nmr_sample_details.solution_id   1 
_pdbx_nmr_sample_details.contents      '50% WATER/50% TFE-D2' 
# 
_pdbx_nmr_exptl_sample_conditions.conditions_id          1 
_pdbx_nmr_exptl_sample_conditions.temperature            300.0 
_pdbx_nmr_exptl_sample_conditions.pressure_units         atm 
_pdbx_nmr_exptl_sample_conditions.pressure               1.0 
_pdbx_nmr_exptl_sample_conditions.pH                     3.0 
_pdbx_nmr_exptl_sample_conditions.ionic_strength         ? 
_pdbx_nmr_exptl_sample_conditions.ionic_strength_units   ? 
_pdbx_nmr_exptl_sample_conditions.pH_units               pH 
_pdbx_nmr_exptl_sample_conditions.temperature_units      K 
# 
loop_
_pdbx_nmr_exptl.experiment_id 
_pdbx_nmr_exptl.conditions_id 
_pdbx_nmr_exptl.type 
_pdbx_nmr_exptl.solution_id 
1 1 NOESY 1 
2 1 TOCSY 1 
3 1 COSY  1 
# 
_pdbx_nmr_details.entry_id   2C55 
_pdbx_nmr_details.text       NONE 
# 
_pdbx_nmr_refine.entry_id           2C55 
_pdbx_nmr_refine.method             ? 
_pdbx_nmr_refine.details            'REFINEMENT DETAILS CAN BE FOUND IN THE JRNL CITATION ABOVE' 
_pdbx_nmr_refine.software_ordinal   1 
# 
loop_
_pdbx_nmr_software.classification 
_pdbx_nmr_software.name 
_pdbx_nmr_software.version 
_pdbx_nmr_software.authors 
_pdbx_nmr_software.ordinal 
refinement           CNS 1.0 
'BRUNGER,ADAMS,CLORE,DELANO,GROS, GROSSE- KUNSTLEVE,JIANG,KUSZEWSKI,NILGES, PANNU,READ, RICE,SIMONSON,WARREN' 1 
'structure solution' CNS 1.0 ? 2 
# 
loop_
_chem_comp_atom.comp_id 
_chem_comp_atom.atom_id 
_chem_comp_atom.type_symbol 
_chem_comp_atom.pdbx_aromatic_flag 
_chem_comp_atom.pdbx_stereo_config 
_chem_comp_atom.pdbx_ordinal 
ALA N    N N N 1   
ALA CA   C N S 2   
ALA C    C N N 3   
ALA O    O N N 4   
ALA CB   C N N 5   
ALA OXT  O N N 6   
ALA H    H N N 7   
ALA H2   H N N 8   
ALA HA   H N N 9   
ALA HB1  H N N 10  
ALA HB2  H N N 11  
ALA HB3  H N N 12  
ALA HXT  H N N 13  
ARG N    N N N 14  
ARG CA   C N S 15  
ARG C    C N N 16  
ARG O    O N N 17  
ARG CB   C N N 18  
ARG CG   C N N 19  
ARG CD   C N N 20  
ARG NE   N N N 21  
ARG CZ   C N N 22  
ARG NH1  N N N 23  
ARG NH2  N N N 24  
ARG OXT  O N N 25  
ARG H    H N N 26  
ARG H2   H N N 27  
ARG HA   H N N 28  
ARG HB2  H N N 29  
ARG HB3  H N N 30  
ARG HG2  H N N 31  
ARG HG3  H N N 32  
ARG HD2  H N N 33  
ARG HD3  H N N 34  
ARG HE   H N N 35  
ARG HH11 H N N 36  
ARG HH12 H N N 37  
ARG HH21 H N N 38  
ARG HH22 H N N 39  
ARG HXT  H N N 40  
ASP N    N N N 41  
ASP CA   C N S 42  
ASP C    C N N 43  
ASP O    O N N 44  
ASP CB   C N N 45  
ASP CG   C N N 46  
ASP OD1  O N N 47  
ASP OD2  O N N 48  
ASP OXT  O N N 49  
ASP H    H N N 50  
ASP H2   H N N 51  
ASP HA   H N N 52  
ASP HB2  H N N 53  
ASP HB3  H N N 54  
ASP HD2  H N N 55  
ASP HXT  H N N 56  
GLN N    N N N 57  
GLN CA   C N S 58  
GLN C    C N N 59  
GLN O    O N N 60  
GLN CB   C N N 61  
GLN CG   C N N 62  
GLN CD   C N N 63  
GLN OE1  O N N 64  
GLN NE2  N N N 65  
GLN OXT  O N N 66  
GLN H    H N N 67  
GLN H2   H N N 68  
GLN HA   H N N 69  
GLN HB2  H N N 70  
GLN HB3  H N N 71  
GLN HG2  H N N 72  
GLN HG3  H N N 73  
GLN HE21 H N N 74  
GLN HE22 H N N 75  
GLN HXT  H N N 76  
GLU N    N N N 77  
GLU CA   C N S 78  
GLU C    C N N 79  
GLU O    O N N 80  
GLU CB   C N N 81  
GLU CG   C N N 82  
GLU CD   C N N 83  
GLU OE1  O N N 84  
GLU OE2  O N N 85  
GLU OXT  O N N 86  
GLU H    H N N 87  
GLU H2   H N N 88  
GLU HA   H N N 89  
GLU HB2  H N N 90  
GLU HB3  H N N 91  
GLU HG2  H N N 92  
GLU HG3  H N N 93  
GLU HE2  H N N 94  
GLU HXT  H N N 95  
GLY N    N N N 96  
GLY CA   C N N 97  
GLY C    C N N 98  
GLY O    O N N 99  
GLY OXT  O N N 100 
GLY H    H N N 101 
GLY H2   H N N 102 
GLY HA2  H N N 103 
GLY HA3  H N N 104 
GLY HXT  H N N 105 
ILE N    N N N 106 
ILE CA   C N S 107 
ILE C    C N N 108 
ILE O    O N N 109 
ILE CB   C N S 110 
ILE CG1  C N N 111 
ILE CG2  C N N 112 
ILE CD1  C N N 113 
ILE OXT  O N N 114 
ILE H    H N N 115 
ILE H2   H N N 116 
ILE HA   H N N 117 
ILE HB   H N N 118 
ILE HG12 H N N 119 
ILE HG13 H N N 120 
ILE HG21 H N N 121 
ILE HG22 H N N 122 
ILE HG23 H N N 123 
ILE HD11 H N N 124 
ILE HD12 H N N 125 
ILE HD13 H N N 126 
ILE HXT  H N N 127 
LEU N    N N N 128 
LEU CA   C N S 129 
LEU C    C N N 130 
LEU O    O N N 131 
LEU CB   C N N 132 
LEU CG   C N N 133 
LEU CD1  C N N 134 
LEU CD2  C N N 135 
LEU OXT  O N N 136 
LEU H    H N N 137 
LEU H2   H N N 138 
LEU HA   H N N 139 
LEU HB2  H N N 140 
LEU HB3  H N N 141 
LEU HG   H N N 142 
LEU HD11 H N N 143 
LEU HD12 H N N 144 
LEU HD13 H N N 145 
LEU HD21 H N N 146 
LEU HD22 H N N 147 
LEU HD23 H N N 148 
LEU HXT  H N N 149 
LYS N    N N N 150 
LYS CA   C N S 151 
LYS C    C N N 152 
LYS O    O N N 153 
LYS CB   C N N 154 
LYS CG   C N N 155 
LYS CD   C N N 156 
LYS CE   C N N 157 
LYS NZ   N N N 158 
LYS OXT  O N N 159 
LYS H    H N N 160 
LYS H2   H N N 161 
LYS HA   H N N 162 
LYS HB2  H N N 163 
LYS HB3  H N N 164 
LYS HG2  H N N 165 
LYS HG3  H N N 166 
LYS HD2  H N N 167 
LYS HD3  H N N 168 
LYS HE2  H N N 169 
LYS HE3  H N N 170 
LYS HZ1  H N N 171 
LYS HZ2  H N N 172 
LYS HZ3  H N N 173 
LYS HXT  H N N 174 
PHE N    N N N 175 
PHE CA   C N S 176 
PHE C    C N N 177 
PHE O    O N N 178 
PHE CB   C N N 179 
PHE CG   C Y N 180 
PHE CD1  C Y N 181 
PHE CD2  C Y N 182 
PHE CE1  C Y N 183 
PHE CE2  C Y N 184 
PHE CZ   C Y N 185 
PHE OXT  O N N 186 
PHE H    H N N 187 
PHE H2   H N N 188 
PHE HA   H N N 189 
PHE HB2  H N N 190 
PHE HB3  H N N 191 
PHE HD1  H N N 192 
PHE HD2  H N N 193 
PHE HE1  H N N 194 
PHE HE2  H N N 195 
PHE HZ   H N N 196 
PHE HXT  H N N 197 
PRO N    N N N 198 
PRO CA   C N S 199 
PRO C    C N N 200 
PRO O    O N N 201 
PRO CB   C N N 202 
PRO CG   C N N 203 
PRO CD   C N N 204 
PRO OXT  O N N 205 
PRO H    H N N 206 
PRO HA   H N N 207 
PRO HB2  H N N 208 
PRO HB3  H N N 209 
PRO HG2  H N N 210 
PRO HG3  H N N 211 
PRO HD2  H N N 212 
PRO HD3  H N N 213 
PRO HXT  H N N 214 
SER N    N N N 215 
SER CA   C N S 216 
SER C    C N N 217 
SER O    O N N 218 
SER CB   C N N 219 
SER OG   O N N 220 
SER OXT  O N N 221 
SER H    H N N 222 
SER H2   H N N 223 
SER HA   H N N 224 
SER HB2  H N N 225 
SER HB3  H N N 226 
SER HG   H N N 227 
SER HXT  H N N 228 
THR N    N N N 229 
THR CA   C N S 230 
THR C    C N N 231 
THR O    O N N 232 
THR CB   C N R 233 
THR OG1  O N N 234 
THR CG2  C N N 235 
THR OXT  O N N 236 
THR H    H N N 237 
THR H2   H N N 238 
THR HA   H N N 239 
THR HB   H N N 240 
THR HG1  H N N 241 
THR HG21 H N N 242 
THR HG22 H N N 243 
THR HG23 H N N 244 
THR HXT  H N N 245 
TYR N    N N N 246 
TYR CA   C N S 247 
TYR C    C N N 248 
TYR O    O N N 249 
TYR CB   C N N 250 
TYR CG   C Y N 251 
TYR CD1  C Y N 252 
TYR CD2  C Y N 253 
TYR CE1  C Y N 254 
TYR CE2  C Y N 255 
TYR CZ   C Y N 256 
TYR OH   O N N 257 
TYR OXT  O N N 258 
TYR H    H N N 259 
TYR H2   H N N 260 
TYR HA   H N N 261 
TYR HB2  H N N 262 
TYR HB3  H N N 263 
TYR HD1  H N N 264 
TYR HD2  H N N 265 
TYR HE1  H N N 266 
TYR HE2  H N N 267 
TYR HH   H N N 268 
TYR HXT  H N N 269 
# 
loop_
_chem_comp_bond.comp_id 
_chem_comp_bond.atom_id_1 
_chem_comp_bond.atom_id_2 
_chem_comp_bond.value_order 
_chem_comp_bond.pdbx_aromatic_flag 
_chem_comp_bond.pdbx_stereo_config 
_chem_comp_bond.pdbx_ordinal 
ALA N   CA   sing N N 1   
ALA N   H    sing N N 2   
ALA N   H2   sing N N 3   
ALA CA  C    sing N N 4   
ALA CA  CB   sing N N 5   
ALA CA  HA   sing N N 6   
ALA C   O    doub N N 7   
ALA C   OXT  sing N N 8   
ALA CB  HB1  sing N N 9   
ALA CB  HB2  sing N N 10  
ALA CB  HB3  sing N N 11  
ALA OXT HXT  sing N N 12  
ARG N   CA   sing N N 13  
ARG N   H    sing N N 14  
ARG N   H2   sing N N 15  
ARG CA  C    sing N N 16  
ARG CA  CB   sing N N 17  
ARG CA  HA   sing N N 18  
ARG C   O    doub N N 19  
ARG C   OXT  sing N N 20  
ARG CB  CG   sing N N 21  
ARG CB  HB2  sing N N 22  
ARG CB  HB3  sing N N 23  
ARG CG  CD   sing N N 24  
ARG CG  HG2  sing N N 25  
ARG CG  HG3  sing N N 26  
ARG CD  NE   sing N N 27  
ARG CD  HD2  sing N N 28  
ARG CD  HD3  sing N N 29  
ARG NE  CZ   sing N N 30  
ARG NE  HE   sing N N 31  
ARG CZ  NH1  sing N N 32  
ARG CZ  NH2  doub N N 33  
ARG NH1 HH11 sing N N 34  
ARG NH1 HH12 sing N N 35  
ARG NH2 HH21 sing N N 36  
ARG NH2 HH22 sing N N 37  
ARG OXT HXT  sing N N 38  
ASP N   CA   sing N N 39  
ASP N   H    sing N N 40  
ASP N   H2   sing N N 41  
ASP CA  C    sing N N 42  
ASP CA  CB   sing N N 43  
ASP CA  HA   sing N N 44  
ASP C   O    doub N N 45  
ASP C   OXT  sing N N 46  
ASP CB  CG   sing N N 47  
ASP CB  HB2  sing N N 48  
ASP CB  HB3  sing N N 49  
ASP CG  OD1  doub N N 50  
ASP CG  OD2  sing N N 51  
ASP OD2 HD2  sing N N 52  
ASP OXT HXT  sing N N 53  
GLN N   CA   sing N N 54  
GLN N   H    sing N N 55  
GLN N   H2   sing N N 56  
GLN CA  C    sing N N 57  
GLN CA  CB   sing N N 58  
GLN CA  HA   sing N N 59  
GLN C   O    doub N N 60  
GLN C   OXT  sing N N 61  
GLN CB  CG   sing N N 62  
GLN CB  HB2  sing N N 63  
GLN CB  HB3  sing N N 64  
GLN CG  CD   sing N N 65  
GLN CG  HG2  sing N N 66  
GLN CG  HG3  sing N N 67  
GLN CD  OE1  doub N N 68  
GLN CD  NE2  sing N N 69  
GLN NE2 HE21 sing N N 70  
GLN NE2 HE22 sing N N 71  
GLN OXT HXT  sing N N 72  
GLU N   CA   sing N N 73  
GLU N   H    sing N N 74  
GLU N   H2   sing N N 75  
GLU CA  C    sing N N 76  
GLU CA  CB   sing N N 77  
GLU CA  HA   sing N N 78  
GLU C   O    doub N N 79  
GLU C   OXT  sing N N 80  
GLU CB  CG   sing N N 81  
GLU CB  HB2  sing N N 82  
GLU CB  HB3  sing N N 83  
GLU CG  CD   sing N N 84  
GLU CG  HG2  sing N N 85  
GLU CG  HG3  sing N N 86  
GLU CD  OE1  doub N N 87  
GLU CD  OE2  sing N N 88  
GLU OE2 HE2  sing N N 89  
GLU OXT HXT  sing N N 90  
GLY N   CA   sing N N 91  
GLY N   H    sing N N 92  
GLY N   H2   sing N N 93  
GLY CA  C    sing N N 94  
GLY CA  HA2  sing N N 95  
GLY CA  HA3  sing N N 96  
GLY C   O    doub N N 97  
GLY C   OXT  sing N N 98  
GLY OXT HXT  sing N N 99  
ILE N   CA   sing N N 100 
ILE N   H    sing N N 101 
ILE N   H2   sing N N 102 
ILE CA  C    sing N N 103 
ILE CA  CB   sing N N 104 
ILE CA  HA   sing N N 105 
ILE C   O    doub N N 106 
ILE C   OXT  sing N N 107 
ILE CB  CG1  sing N N 108 
ILE CB  CG2  sing N N 109 
ILE CB  HB   sing N N 110 
ILE CG1 CD1  sing N N 111 
ILE CG1 HG12 sing N N 112 
ILE CG1 HG13 sing N N 113 
ILE CG2 HG21 sing N N 114 
ILE CG2 HG22 sing N N 115 
ILE CG2 HG23 sing N N 116 
ILE CD1 HD11 sing N N 117 
ILE CD1 HD12 sing N N 118 
ILE CD1 HD13 sing N N 119 
ILE OXT HXT  sing N N 120 
LEU N   CA   sing N N 121 
LEU N   H    sing N N 122 
LEU N   H2   sing N N 123 
LEU CA  C    sing N N 124 
LEU CA  CB   sing N N 125 
LEU CA  HA   sing N N 126 
LEU C   O    doub N N 127 
LEU C   OXT  sing N N 128 
LEU CB  CG   sing N N 129 
LEU CB  HB2  sing N N 130 
LEU CB  HB3  sing N N 131 
LEU CG  CD1  sing N N 132 
LEU CG  CD2  sing N N 133 
LEU CG  HG   sing N N 134 
LEU CD1 HD11 sing N N 135 
LEU CD1 HD12 sing N N 136 
LEU CD1 HD13 sing N N 137 
LEU CD2 HD21 sing N N 138 
LEU CD2 HD22 sing N N 139 
LEU CD2 HD23 sing N N 140 
LEU OXT HXT  sing N N 141 
LYS N   CA   sing N N 142 
LYS N   H    sing N N 143 
LYS N   H2   sing N N 144 
LYS CA  C    sing N N 145 
LYS CA  CB   sing N N 146 
LYS CA  HA   sing N N 147 
LYS C   O    doub N N 148 
LYS C   OXT  sing N N 149 
LYS CB  CG   sing N N 150 
LYS CB  HB2  sing N N 151 
LYS CB  HB3  sing N N 152 
LYS CG  CD   sing N N 153 
LYS CG  HG2  sing N N 154 
LYS CG  HG3  sing N N 155 
LYS CD  CE   sing N N 156 
LYS CD  HD2  sing N N 157 
LYS CD  HD3  sing N N 158 
LYS CE  NZ   sing N N 159 
LYS CE  HE2  sing N N 160 
LYS CE  HE3  sing N N 161 
LYS NZ  HZ1  sing N N 162 
LYS NZ  HZ2  sing N N 163 
LYS NZ  HZ3  sing N N 164 
LYS OXT HXT  sing N N 165 
PHE N   CA   sing N N 166 
PHE N   H    sing N N 167 
PHE N   H2   sing N N 168 
PHE CA  C    sing N N 169 
PHE CA  CB   sing N N 170 
PHE CA  HA   sing N N 171 
PHE C   O    doub N N 172 
PHE C   OXT  sing N N 173 
PHE CB  CG   sing N N 174 
PHE CB  HB2  sing N N 175 
PHE CB  HB3  sing N N 176 
PHE CG  CD1  doub Y N 177 
PHE CG  CD2  sing Y N 178 
PHE CD1 CE1  sing Y N 179 
PHE CD1 HD1  sing N N 180 
PHE CD2 CE2  doub Y N 181 
PHE CD2 HD2  sing N N 182 
PHE CE1 CZ   doub Y N 183 
PHE CE1 HE1  sing N N 184 
PHE CE2 CZ   sing Y N 185 
PHE CE2 HE2  sing N N 186 
PHE CZ  HZ   sing N N 187 
PHE OXT HXT  sing N N 188 
PRO N   CA   sing N N 189 
PRO N   CD   sing N N 190 
PRO N   H    sing N N 191 
PRO CA  C    sing N N 192 
PRO CA  CB   sing N N 193 
PRO CA  HA   sing N N 194 
PRO C   O    doub N N 195 
PRO C   OXT  sing N N 196 
PRO CB  CG   sing N N 197 
PRO CB  HB2  sing N N 198 
PRO CB  HB3  sing N N 199 
PRO CG  CD   sing N N 200 
PRO CG  HG2  sing N N 201 
PRO CG  HG3  sing N N 202 
PRO CD  HD2  sing N N 203 
PRO CD  HD3  sing N N 204 
PRO OXT HXT  sing N N 205 
SER N   CA   sing N N 206 
SER N   H    sing N N 207 
SER N   H2   sing N N 208 
SER CA  C    sing N N 209 
SER CA  CB   sing N N 210 
SER CA  HA   sing N N 211 
SER C   O    doub N N 212 
SER C   OXT  sing N N 213 
SER CB  OG   sing N N 214 
SER CB  HB2  sing N N 215 
SER CB  HB3  sing N N 216 
SER OG  HG   sing N N 217 
SER OXT HXT  sing N N 218 
THR N   CA   sing N N 219 
THR N   H    sing N N 220 
THR N   H2   sing N N 221 
THR CA  C    sing N N 222 
THR CA  CB   sing N N 223 
THR CA  HA   sing N N 224 
THR C   O    doub N N 225 
THR C   OXT  sing N N 226 
THR CB  OG1  sing N N 227 
THR CB  CG2  sing N N 228 
THR CB  HB   sing N N 229 
THR OG1 HG1  sing N N 230 
THR CG2 HG21 sing N N 231 
THR CG2 HG22 sing N N 232 
THR CG2 HG23 sing N N 233 
THR OXT HXT  sing N N 234 
TYR N   CA   sing N N 235 
TYR N   H    sing N N 236 
TYR N   H2   sing N N 237 
TYR CA  C    sing N N 238 
TYR CA  CB   sing N N 239 
TYR CA  HA   sing N N 240 
TYR C   O    doub N N 241 
TYR C   OXT  sing N N 242 
TYR CB  CG   sing N N 243 
TYR CB  HB2  sing N N 244 
TYR CB  HB3  sing N N 245 
TYR CG  CD1  doub Y N 246 
TYR CG  CD2  sing Y N 247 
TYR CD1 CE1  sing Y N 248 
TYR CD1 HD1  sing N N 249 
TYR CD2 CE2  doub Y N 250 
TYR CD2 HD2  sing N N 251 
TYR CE1 CZ   doub Y N 252 
TYR CE1 HE1  sing N N 253 
TYR CE2 CZ   sing Y N 254 
TYR CE2 HE2  sing N N 255 
TYR CZ  OH   sing N N 256 
TYR OH  HH   sing N N 257 
TYR OXT HXT  sing N N 258 
# 
_pdbx_nmr_spectrometer.spectrometer_id   1 
_pdbx_nmr_spectrometer.model             DMX 
_pdbx_nmr_spectrometer.manufacturer      Bruker 
_pdbx_nmr_spectrometer.field_strength    600 
# 
_atom_sites.entry_id                    2C55 
_atom_sites.fract_transf_matrix[1][1]   1.000000 
_atom_sites.fract_transf_matrix[1][2]   0.000000 
_atom_sites.fract_transf_matrix[1][3]   0.000000 
_atom_sites.fract_transf_matrix[2][1]   0.000000 
_atom_sites.fract_transf_matrix[2][2]   1.000000 
_atom_sites.fract_transf_matrix[2][3]   0.000000 
_atom_sites.fract_transf_matrix[3][1]   0.000000 
_atom_sites.fract_transf_matrix[3][2]   0.000000 
_atom_sites.fract_transf_matrix[3][3]   1.000000 
_atom_sites.fract_transf_vector[1]      0.00000 
_atom_sites.fract_transf_vector[2]      0.00000 
_atom_sites.fract_transf_vector[3]      0.00000 
# 
loop_
_atom_type.symbol 
C 
H 
N 
O 
# 
loop_
_atom_site.group_PDB 
_atom_site.id 
_atom_site.type_symbol 
_atom_site.label_atom_id 
_atom_site.label_alt_id 
_atom_site.label_comp_id 
_atom_site.label_asym_id 
_atom_site.label_entity_id 
_atom_site.label_seq_id 
_atom_site.pdbx_PDB_ins_code 
_atom_site.Cartn_x 
_atom_site.Cartn_y 
_atom_site.Cartn_z 
_atom_site.occupancy 
_atom_site.B_iso_or_equiv 
_atom_site.pdbx_formal_charge 
_atom_site.auth_seq_id 
_atom_site.auth_comp_id 
_atom_site.auth_asym_id 
_atom_site.auth_atom_id 
_atom_site.pdbx_PDB_model_num 
ATOM 1   N N    . LEU A 1 1  ? -3.225  11.342  -14.112 1.00 0.00 ? 1  LEU A N    1 
ATOM 2   C CA   . LEU A 1 1  ? -1.881  11.913  -13.833 1.00 0.00 ? 1  LEU A CA   1 
ATOM 3   C C    . LEU A 1 1  ? -0.834  11.348  -14.788 1.00 0.00 ? 1  LEU A C    1 
ATOM 4   O O    . LEU A 1 1  ? -0.948  10.212  -15.249 1.00 0.00 ? 1  LEU A O    1 
ATOM 5   C CB   . LEU A 1 1  ? -1.507  11.591  -12.384 1.00 0.00 ? 1  LEU A CB   1 
ATOM 6   C CG   . LEU A 1 1  ? -1.719  12.736  -11.392 1.00 0.00 ? 1  LEU A CG   1 
ATOM 7   C CD1  . LEU A 1 1  ? -1.454  12.266  -9.970  1.00 0.00 ? 1  LEU A CD1  1 
ATOM 8   C CD2  . LEU A 1 1  ? -0.823  13.914  -11.743 1.00 0.00 ? 1  LEU A CD2  1 
ATOM 9   H H1   . LEU A 1 1  ? -3.430  11.492  -15.120 1.00 0.00 ? 1  LEU A H1   1 
ATOM 10  H H2   . LEU A 1 1  ? -3.193  10.328  -13.884 1.00 0.00 ? 1  LEU A H2   1 
ATOM 11  H H3   . LEU A 1 1  ? -3.912  11.841  -13.511 1.00 0.00 ? 1  LEU A H3   1 
ATOM 12  H HA   . LEU A 1 1  ? -1.931  12.983  -13.959 1.00 0.00 ? 1  LEU A HA   1 
ATOM 13  H HB2  . LEU A 1 1  ? -2.100  10.748  -12.061 1.00 0.00 ? 1  LEU A HB2  1 
ATOM 14  H HB3  . LEU A 1 1  ? -0.466  11.309  -12.355 1.00 0.00 ? 1  LEU A HB3  1 
ATOM 15  H HG   . LEU A 1 1  ? -2.746  13.067  -11.449 1.00 0.00 ? 1  LEU A HG   1 
ATOM 16  H HD11 . LEU A 1 1  ? -0.768  11.432  -9.989  1.00 0.00 ? 1  LEU A HD11 1 
ATOM 17  H HD12 . LEU A 1 1  ? -1.023  13.074  -9.399  1.00 0.00 ? 1  LEU A HD12 1 
ATOM 18  H HD13 . LEU A 1 1  ? -2.384  11.957  -9.515  1.00 0.00 ? 1  LEU A HD13 1 
ATOM 19  H HD21 . LEU A 1 1  ? 0.147   13.550  -12.051 1.00 0.00 ? 1  LEU A HD21 1 
ATOM 20  H HD22 . LEU A 1 1  ? -1.268  14.480  -12.547 1.00 0.00 ? 1  LEU A HD22 1 
ATOM 21  H HD23 . LEU A 1 1  ? -0.708  14.550  -10.876 1.00 0.00 ? 1  LEU A HD23 1 
ATOM 22  N N    . GLN A 1 2  ? 0.186   12.149  -15.080 1.00 0.00 ? 2  GLN A N    1 
ATOM 23  C CA   . GLN A 1 2  ? 1.253   11.729  -15.980 1.00 0.00 ? 2  GLN A CA   1 
ATOM 24  C C    . GLN A 1 2  ? 2.321   10.940  -15.227 1.00 0.00 ? 2  GLN A C    1 
ATOM 25  O O    . GLN A 1 2  ? 3.401   11.456  -14.939 1.00 0.00 ? 2  GLN A O    1 
ATOM 26  C CB   . GLN A 1 2  ? 1.885   12.946  -16.660 1.00 0.00 ? 2  GLN A CB   1 
ATOM 27  C CG   . GLN A 1 2  ? 1.209   13.332  -17.966 1.00 0.00 ? 2  GLN A CG   1 
ATOM 28  C CD   . GLN A 1 2  ? 1.362   14.805  -18.288 1.00 0.00 ? 2  GLN A CD   1 
ATOM 29  O OE1  . GLN A 1 2  ? 1.469   15.641  -17.390 1.00 0.00 ? 2  GLN A OE1  1 
ATOM 30  N NE2  . GLN A 1 2  ? 1.372   15.131  -19.576 1.00 0.00 ? 2  GLN A NE2  1 
ATOM 31  H H    . GLN A 1 2  ? 0.221   13.044  -14.681 1.00 0.00 ? 2  GLN A H    1 
ATOM 32  H HA   . GLN A 1 2  ? 0.819   11.091  -16.735 1.00 0.00 ? 2  GLN A HA   1 
ATOM 33  H HB2  . GLN A 1 2  ? 1.828   13.789  -15.987 1.00 0.00 ? 2  GLN A HB2  1 
ATOM 34  H HB3  . GLN A 1 2  ? 2.922   12.731  -16.867 1.00 0.00 ? 2  GLN A HB3  1 
ATOM 35  H HG2  . GLN A 1 2  ? 1.647   12.756  -18.767 1.00 0.00 ? 2  GLN A HG2  1 
ATOM 36  H HG3  . GLN A 1 2  ? 0.156   13.103  -17.892 1.00 0.00 ? 2  GLN A HG3  1 
ATOM 37  H HE21 . GLN A 1 2  ? 1.282   14.414  -20.235 1.00 0.00 ? 2  GLN A HE21 1 
ATOM 38  H HE22 . GLN A 1 2  ? 1.471   16.077  -19.812 1.00 0.00 ? 2  GLN A HE22 1 
ATOM 39  N N    . SER A 1 3  ? 2.010   9.688   -14.910 1.00 0.00 ? 3  SER A N    1 
ATOM 40  C CA   . SER A 1 3  ? 2.942   8.828   -14.189 1.00 0.00 ? 3  SER A CA   1 
ATOM 41  C C    . SER A 1 3  ? 3.603   7.831   -15.135 1.00 0.00 ? 3  SER A C    1 
ATOM 42  O O    . SER A 1 3  ? 3.483   7.943   -16.354 1.00 0.00 ? 3  SER A O    1 
ATOM 43  C CB   . SER A 1 3  ? 2.218   8.084   -13.066 1.00 0.00 ? 3  SER A CB   1 
ATOM 44  O OG   . SER A 1 3  ? 1.407   8.965   -12.310 1.00 0.00 ? 3  SER A OG   1 
ATOM 45  H H    . SER A 1 3  ? 1.133   9.334   -15.166 1.00 0.00 ? 3  SER A H    1 
ATOM 46  H HA   . SER A 1 3  ? 3.706   9.456   -13.757 1.00 0.00 ? 3  SER A HA   1 
ATOM 47  H HB2  . SER A 1 3  ? 1.589   7.315   -13.495 1.00 0.00 ? 3  SER A HB2  1 
ATOM 48  H HB3  . SER A 1 3  ? 2.946   7.630   -12.411 1.00 0.00 ? 3  SER A HB3  1 
ATOM 49  H HG   . SER A 1 3  ? 1.943   9.402   -11.644 1.00 0.00 ? 3  SER A HG   1 
ATOM 50  N N    . ARG A 1 4  ? 4.301   6.853   -14.564 1.00 0.00 ? 4  ARG A N    1 
ATOM 51  C CA   . ARG A 1 4  ? 4.981   5.837   -15.357 1.00 0.00 ? 4  ARG A CA   1 
ATOM 52  C C    . ARG A 1 4  ? 4.527   4.434   -14.948 1.00 0.00 ? 4  ARG A C    1 
ATOM 53  O O    . ARG A 1 4  ? 4.640   4.056   -13.782 1.00 0.00 ? 4  ARG A O    1 
ATOM 54  C CB   . ARG A 1 4  ? 6.497   5.961   -15.190 1.00 0.00 ? 4  ARG A CB   1 
ATOM 55  C CG   . ARG A 1 4  ? 7.292   5.142   -16.196 1.00 0.00 ? 4  ARG A CG   1 
ATOM 56  C CD   . ARG A 1 4  ? 7.133   5.687   -17.611 1.00 0.00 ? 4  ARG A CD   1 
ATOM 57  N NE   . ARG A 1 4  ? 7.776   6.988   -17.770 1.00 0.00 ? 4  ARG A NE   1 
ATOM 58  C CZ   . ARG A 1 4  ? 8.112   7.512   -18.948 1.00 0.00 ? 4  ARG A CZ   1 
ATOM 59  N NH1  . ARG A 1 4  ? 7.865   6.849   -20.071 1.00 0.00 ? 4  ARG A NH1  1 
ATOM 60  N NH2  . ARG A 1 4  ? 8.695   8.702   -19.002 1.00 0.00 ? 4  ARG A NH2  1 
ATOM 61  H H    . ARG A 1 4  ? 4.360   6.817   -13.586 1.00 0.00 ? 4  ARG A H    1 
ATOM 62  H HA   . ARG A 1 4  ? 4.727   6.002   -16.392 1.00 0.00 ? 4  ARG A HA   1 
ATOM 63  H HB2  . ARG A 1 4  ? 6.775   7.000   -15.302 1.00 0.00 ? 4  ARG A HB2  1 
ATOM 64  H HB3  . ARG A 1 4  ? 6.765   5.631   -14.197 1.00 0.00 ? 4  ARG A HB3  1 
ATOM 65  H HG2  . ARG A 1 4  ? 8.336   5.174   -15.922 1.00 0.00 ? 4  ARG A HG2  1 
ATOM 66  H HG3  . ARG A 1 4  ? 6.941   4.119   -16.167 1.00 0.00 ? 4  ARG A HG3  1 
ATOM 67  H HD2  . ARG A 1 4  ? 7.578   4.990   -18.307 1.00 0.00 ? 4  ARG A HD2  1 
ATOM 68  H HD3  . ARG A 1 4  ? 6.079   5.788   -17.830 1.00 0.00 ? 4  ARG A HD3  1 
ATOM 69  H HE   . ARG A 1 4  ? 7.970   7.499   -16.957 1.00 0.00 ? 4  ARG A HE   1 
ATOM 70  H HH11 . ARG A 1 4  ? 7.425   5.952   -20.037 1.00 0.00 ? 4  ARG A HH11 1 
ATOM 71  H HH12 . ARG A 1 4  ? 8.121   7.248   -20.952 1.00 0.00 ? 4  ARG A HH12 1 
ATOM 72  H HH21 . ARG A 1 4  ? 8.882   9.205   -18.158 1.00 0.00 ? 4  ARG A HH21 1 
ATOM 73  H HH22 . ARG A 1 4  ? 8.947   9.095   -19.885 1.00 0.00 ? 4  ARG A HH22 1 
ATOM 74  N N    . PRO A 1 5  ? 4.003   3.640   -15.902 1.00 0.00 ? 5  PRO A N    1 
ATOM 75  C CA   . PRO A 1 5  ? 3.534   2.284   -15.627 1.00 0.00 ? 5  PRO A CA   1 
ATOM 76  C C    . PRO A 1 5  ? 4.657   1.254   -15.699 1.00 0.00 ? 5  PRO A C    1 
ATOM 77  O O    . PRO A 1 5  ? 5.314   1.108   -16.729 1.00 0.00 ? 5  PRO A O    1 
ATOM 78  C CB   . PRO A 1 5  ? 2.520   2.051   -16.741 1.00 0.00 ? 5  PRO A CB   1 
ATOM 79  C CG   . PRO A 1 5  ? 3.045   2.835   -17.898 1.00 0.00 ? 5  PRO A CG   1 
ATOM 80  C CD   . PRO A 1 5  ? 3.822   3.998   -17.323 1.00 0.00 ? 5  PRO A CD   1 
ATOM 81  H HA   . PRO A 1 5  ? 3.044   2.220   -14.667 1.00 0.00 ? 5  PRO A HA   1 
ATOM 82  H HB2  . PRO A 1 5  ? 2.466   0.997   -16.967 1.00 0.00 ? 5  PRO A HB2  1 
ATOM 83  H HB3  . PRO A 1 5  ? 1.550   2.410   -16.430 1.00 0.00 ? 5  PRO A HB3  1 
ATOM 84  H HG2  . PRO A 1 5  ? 3.695   2.212   -18.494 1.00 0.00 ? 5  PRO A HG2  1 
ATOM 85  H HG3  . PRO A 1 5  ? 2.222   3.197   -18.495 1.00 0.00 ? 5  PRO A HG3  1 
ATOM 86  H HD2  . PRO A 1 5  ? 4.776   4.090   -17.819 1.00 0.00 ? 5  PRO A HD2  1 
ATOM 87  H HD3  . PRO A 1 5  ? 3.256   4.912   -17.420 1.00 0.00 ? 5  PRO A HD3  1 
ATOM 88  N N    . GLU A 1 6  ? 4.873   0.541   -14.597 1.00 0.00 ? 6  GLU A N    1 
ATOM 89  C CA   . GLU A 1 6  ? 5.917   -0.475  -14.538 1.00 0.00 ? 6  GLU A CA   1 
ATOM 90  C C    . GLU A 1 6  ? 5.431   -1.797  -15.130 1.00 0.00 ? 6  GLU A C    1 
ATOM 91  O O    . GLU A 1 6  ? 6.088   -2.374  -15.996 1.00 0.00 ? 6  GLU A O    1 
ATOM 92  C CB   . GLU A 1 6  ? 6.378   -0.681  -13.092 1.00 0.00 ? 6  GLU A CB   1 
ATOM 93  C CG   . GLU A 1 6  ? 7.761   -0.118  -12.808 1.00 0.00 ? 6  GLU A CG   1 
ATOM 94  C CD   . GLU A 1 6  ? 7.902   0.393   -11.388 1.00 0.00 ? 6  GLU A CD   1 
ATOM 95  O OE1  . GLU A 1 6  ? 7.604   1.583   -11.153 1.00 0.00 ? 6  GLU A OE1  1 
ATOM 96  O OE2  . GLU A 1 6  ? 8.312   -0.396  -10.511 1.00 0.00 ? 6  GLU A OE2  1 
ATOM 97  H H    . GLU A 1 6  ? 4.317   0.704   -13.807 1.00 0.00 ? 6  GLU A H    1 
ATOM 98  H HA   . GLU A 1 6  ? 6.753   -0.121  -15.123 1.00 0.00 ? 6  GLU A HA   1 
ATOM 99  H HB2  . GLU A 1 6  ? 5.674   -0.199  -12.430 1.00 0.00 ? 6  GLU A HB2  1 
ATOM 100 H HB3  . GLU A 1 6  ? 6.393   -1.740  -12.877 1.00 0.00 ? 6  GLU A HB3  1 
ATOM 101 H HG2  . GLU A 1 6  ? 8.493   -0.896  -12.969 1.00 0.00 ? 6  GLU A HG2  1 
ATOM 102 H HG3  . GLU A 1 6  ? 7.950   0.699   -13.490 1.00 0.00 ? 6  GLU A HG3  1 
ATOM 103 N N    . PRO A 1 7  ? 4.270   -2.298  -14.670 1.00 0.00 ? 7  PRO A N    1 
ATOM 104 C CA   . PRO A 1 7  ? 3.690   -3.542  -15.140 1.00 0.00 ? 7  PRO A CA   1 
ATOM 105 C C    . PRO A 1 7  ? 2.816   -3.349  -16.376 1.00 0.00 ? 7  PRO A C    1 
ATOM 106 O O    . PRO A 1 7  ? 2.585   -2.222  -16.815 1.00 0.00 ? 7  PRO A O    1 
ATOM 107 C CB   . PRO A 1 7  ? 2.841   -4.017  -13.945 1.00 0.00 ? 7  PRO A CB   1 
ATOM 108 C CG   . PRO A 1 7  ? 2.944   -2.929  -12.919 1.00 0.00 ? 7  PRO A CG   1 
ATOM 109 C CD   . PRO A 1 7  ? 3.415   -1.714  -13.660 1.00 0.00 ? 7  PRO A CD   1 
ATOM 110 H HA   . PRO A 1 7  ? 4.445   -4.257  -15.347 1.00 0.00 ? 7  PRO A HA   1 
ATOM 111 H HB2  . PRO A 1 7  ? 1.819   -4.162  -14.261 1.00 0.00 ? 7  PRO A HB2  1 
ATOM 112 H HB3  . PRO A 1 7  ? 3.240   -4.947  -13.569 1.00 0.00 ? 7  PRO A HB3  1 
ATOM 113 H HG2  . PRO A 1 7  ? 1.975   -2.748  -12.477 1.00 0.00 ? 7  PRO A HG2  1 
ATOM 114 H HG3  . PRO A 1 7  ? 3.659   -3.206  -12.158 1.00 0.00 ? 7  PRO A HG3  1 
ATOM 115 H HD2  . PRO A 1 7  ? 2.587   -1.222  -14.124 1.00 0.00 ? 7  PRO A HD2  1 
ATOM 116 H HD3  . PRO A 1 7  ? 3.961   -1.047  -13.014 1.00 0.00 ? 7  PRO A HD3  1 
ATOM 117 N N    . THR A 1 8  ? 2.334   -4.455  -16.931 1.00 0.00 ? 8  THR A N    1 
ATOM 118 C CA   . THR A 1 8  ? 1.485   -4.410  -18.116 1.00 0.00 ? 8  THR A CA   1 
ATOM 119 C C    . THR A 1 8  ? 0.277   -5.327  -17.955 1.00 0.00 ? 8  THR A C    1 
ATOM 120 O O    . THR A 1 8  ? 0.399   -6.447  -17.458 1.00 0.00 ? 8  THR A O    1 
ATOM 121 C CB   . THR A 1 8  ? 2.284   -4.812  -19.357 1.00 0.00 ? 8  THR A CB   1 
ATOM 122 O OG1  . THR A 1 8  ? 3.406   -3.964  -19.527 1.00 0.00 ? 8  THR A OG1  1 
ATOM 123 C CG2  . THR A 1 8  ? 1.475   -4.762  -20.636 1.00 0.00 ? 8  THR A CG2  1 
ATOM 124 H H    . THR A 1 8  ? 2.553   -5.325  -16.535 1.00 0.00 ? 8  THR A H    1 
ATOM 125 H HA   . THR A 1 8  ? 1.139   -3.396  -18.237 1.00 0.00 ? 8  THR A HA   1 
ATOM 126 H HB   . THR A 1 8  ? 2.640   -5.822  -19.229 1.00 0.00 ? 8  THR A HB   1 
ATOM 127 H HG1  . THR A 1 8  ? 3.109   -3.084  -19.767 1.00 0.00 ? 8  THR A HG1  1 
ATOM 128 H HG21 . THR A 1 8  ? 0.461   -5.076  -20.433 1.00 0.00 ? 8  THR A HG21 1 
ATOM 129 H HG22 . THR A 1 8  ? 1.469   -3.753  -21.020 1.00 0.00 ? 8  THR A HG22 1 
ATOM 130 H HG23 . THR A 1 8  ? 1.916   -5.424  -21.366 1.00 0.00 ? 8  THR A HG23 1 
ATOM 131 N N    . ALA A 1 9  ? -0.887  -4.843  -18.377 1.00 0.00 ? 9  ALA A N    1 
ATOM 132 C CA   . ALA A 1 9  ? -2.122  -5.616  -18.281 1.00 0.00 ? 9  ALA A CA   1 
ATOM 133 C C    . ALA A 1 9  ? -2.472  -5.898  -16.820 1.00 0.00 ? 9  ALA A C    1 
ATOM 134 O O    . ALA A 1 9  ? -1.610  -6.310  -16.043 1.00 0.00 ? 9  ALA A O    1 
ATOM 135 C CB   . ALA A 1 9  ? -1.986  -6.933  -19.057 1.00 0.00 ? 9  ALA A CB   1 
ATOM 136 H H    . ALA A 1 9  ? -0.917  -3.944  -18.764 1.00 0.00 ? 9  ALA A H    1 
ATOM 137 H HA   . ALA A 1 9  ? -2.916  -5.024  -18.725 1.00 0.00 ? 9  ALA A HA   1 
ATOM 138 H HB1  . ALA A 1 9  ? -1.856  -6.731  -20.114 1.00 0.00 ? 9  ALA A HB1  1 
ATOM 139 H HB2  . ALA A 1 9  ? -1.124  -7.474  -18.692 1.00 0.00 ? 9  ALA A HB2  1 
ATOM 140 H HB3  . ALA A 1 9  ? -2.870  -7.541  -18.912 1.00 0.00 ? 9  ALA A HB3  1 
ATOM 141 N N    . PRO A 1 10 ? -3.743  -5.668  -16.422 1.00 0.00 ? 10 PRO A N    1 
ATOM 142 C CA   . PRO A 1 10 ? -4.239  -5.872  -15.077 1.00 0.00 ? 10 PRO A CA   1 
ATOM 143 C C    . PRO A 1 10 ? -3.405  -6.842  -14.240 1.00 0.00 ? 10 PRO A C    1 
ATOM 144 O O    . PRO A 1 10 ? -3.684  -8.041  -14.203 1.00 0.00 ? 10 PRO A O    1 
ATOM 145 C CB   . PRO A 1 10 ? -5.633  -6.435  -15.335 1.00 0.00 ? 10 PRO A CB   1 
ATOM 146 C CG   . PRO A 1 10 ? -6.003  -5.974  -16.718 1.00 0.00 ? 10 PRO A CG   1 
ATOM 147 C CD   . PRO A 1 10 ? -4.838  -5.169  -17.236 1.00 0.00 ? 10 PRO A CD   1 
ATOM 148 H HA   . PRO A 1 10 ? -4.340  -4.938  -14.569 1.00 0.00 ? 10 PRO A HA   1 
ATOM 149 H HB2  . PRO A 1 10 ? -5.594  -7.504  -15.271 1.00 0.00 ? 10 PRO A HB2  1 
ATOM 150 H HB3  . PRO A 1 10 ? -6.320  -6.050  -14.596 1.00 0.00 ? 10 PRO A HB3  1 
ATOM 151 H HG2  . PRO A 1 10 ? -6.177  -6.829  -17.353 1.00 0.00 ? 10 PRO A HG2  1 
ATOM 152 H HG3  . PRO A 1 10 ? -6.888  -5.358  -16.669 1.00 0.00 ? 10 PRO A HG3  1 
ATOM 153 H HD2  . PRO A 1 10 ? -4.676  -5.351  -18.284 1.00 0.00 ? 10 PRO A HD2  1 
ATOM 154 H HD3  . PRO A 1 10 ? -4.995  -4.122  -17.042 1.00 0.00 ? 10 PRO A HD3  1 
ATOM 155 N N    . PRO A 1 11 ? -2.367  -6.332  -13.556 1.00 0.00 ? 11 PRO A N    1 
ATOM 156 C CA   . PRO A 1 11 ? -1.482  -7.109  -12.721 1.00 0.00 ? 11 PRO A CA   1 
ATOM 157 C C    . PRO A 1 11 ? -1.926  -7.126  -11.260 1.00 0.00 ? 11 PRO A C    1 
ATOM 158 O O    . PRO A 1 11 ? -1.183  -6.716  -10.368 1.00 0.00 ? 11 PRO A O    1 
ATOM 159 C CB   . PRO A 1 11 ? -0.134  -6.381  -12.881 1.00 0.00 ? 11 PRO A CB   1 
ATOM 160 C CG   . PRO A 1 11 ? -0.454  -5.104  -13.603 1.00 0.00 ? 11 PRO A CG   1 
ATOM 161 C CD   . PRO A 1 11 ? -1.945  -4.960  -13.518 1.00 0.00 ? 11 PRO A CD   1 
ATOM 162 H HA   . PRO A 1 11 ? -1.400  -8.095  -13.078 1.00 0.00 ? 11 PRO A HA   1 
ATOM 163 H HB2  . PRO A 1 11 ? 0.291   -6.186  -11.907 1.00 0.00 ? 11 PRO A HB2  1 
ATOM 164 H HB3  . PRO A 1 11 ? 0.543   -6.996  -13.454 1.00 0.00 ? 11 PRO A HB3  1 
ATOM 165 H HG2  . PRO A 1 11 ? 0.033   -4.273  -13.115 1.00 0.00 ? 11 PRO A HG2  1 
ATOM 166 H HG3  . PRO A 1 11 ? -0.141  -5.175  -14.633 1.00 0.00 ? 11 PRO A HG3  1 
ATOM 167 H HD2  . PRO A 1 11 ? -2.217  -4.534  -12.580 1.00 0.00 ? 11 PRO A HD2  1 
ATOM 168 H HD3  . PRO A 1 11 ? -2.341  -4.396  -14.348 1.00 0.00 ? 11 PRO A HD3  1 
ATOM 169 N N    . GLU A 1 12 ? -3.143  -7.603  -11.024 1.00 0.00 ? 12 GLU A N    1 
ATOM 170 C CA   . GLU A 1 12 ? -3.691  -7.675  -9.684  1.00 0.00 ? 12 GLU A CA   1 
ATOM 171 C C    . GLU A 1 12 ? -3.681  -9.103  -9.173  1.00 0.00 ? 12 GLU A C    1 
ATOM 172 O O    . GLU A 1 12 ? -4.570  -9.521  -8.434  1.00 0.00 ? 12 GLU A O    1 
ATOM 173 C CB   . GLU A 1 12 ? -5.111  -7.109  -9.659  1.00 0.00 ? 12 GLU A CB   1 
ATOM 174 C CG   . GLU A 1 12 ? -5.520  -6.535  -8.313  1.00 0.00 ? 12 GLU A CG   1 
ATOM 175 C CD   . GLU A 1 12 ? -5.290  -5.040  -8.223  1.00 0.00 ? 12 GLU A CD   1 
ATOM 176 O OE1  . GLU A 1 12 ? -4.197  -4.581  -8.620  1.00 0.00 ? 12 GLU A OE1  1 
ATOM 177 O OE2  . GLU A 1 12 ? -6.202  -4.326  -7.754  1.00 0.00 ? 12 GLU A OE2  1 
ATOM 178 H H    . GLU A 1 12 ? -3.685  -7.912  -11.767 1.00 0.00 ? 12 GLU A H    1 
ATOM 179 H HA   . GLU A 1 12 ? -3.061  -7.086  -9.044  1.00 0.00 ? 12 GLU A HA   1 
ATOM 180 H HB2  . GLU A 1 12 ? -5.186  -6.324  -10.397 1.00 0.00 ? 12 GLU A HB2  1 
ATOM 181 H HB3  . GLU A 1 12 ? -5.804  -7.897  -9.917  1.00 0.00 ? 12 GLU A HB3  1 
ATOM 182 H HG2  . GLU A 1 12 ? -6.569  -6.732  -8.156  1.00 0.00 ? 12 GLU A HG2  1 
ATOM 183 H HG3  . GLU A 1 12 ? -4.945  -7.022  -7.540  1.00 0.00 ? 12 GLU A HG3  1 
ATOM 184 N N    . GLU A 1 13 ? -2.648  -9.838  -9.554  1.00 0.00 ? 13 GLU A N    1 
ATOM 185 C CA   . GLU A 1 13 ? -2.491  -11.220 -9.109  1.00 0.00 ? 13 GLU A CA   1 
ATOM 186 C C    . GLU A 1 13 ? -1.386  -11.318 -8.084  1.00 0.00 ? 13 GLU A C    1 
ATOM 187 O O    . GLU A 1 13 ? -1.213  -12.331 -7.406  1.00 0.00 ? 13 GLU A O    1 
ATOM 188 C CB   . GLU A 1 13 ? -2.237  -12.163 -10.286 1.00 0.00 ? 13 GLU A CB   1 
ATOM 189 C CG   . GLU A 1 13 ? -2.603  -13.609 -9.997  1.00 0.00 ? 13 GLU A CG   1 
ATOM 190 C CD   . GLU A 1 13 ? -3.970  -13.984 -10.537 1.00 0.00 ? 13 GLU A CD   1 
ATOM 191 O OE1  . GLU A 1 13 ? -4.069  -14.290 -11.744 1.00 0.00 ? 13 GLU A OE1  1 
ATOM 192 O OE2  . GLU A 1 13 ? -4.941  -13.970 -9.752  1.00 0.00 ? 13 GLU A OE2  1 
ATOM 193 H H    . GLU A 1 13 ? -1.965  -9.431  -10.126 1.00 0.00 ? 13 GLU A H    1 
ATOM 194 H HA   . GLU A 1 13 ? -3.388  -11.485 -8.618  1.00 0.00 ? 13 GLU A HA   1 
ATOM 195 H HB2  . GLU A 1 13 ? -2.820  -11.829 -11.132 1.00 0.00 ? 13 GLU A HB2  1 
ATOM 196 H HB3  . GLU A 1 13 ? -1.189  -12.124 -10.544 1.00 0.00 ? 13 GLU A HB3  1 
ATOM 197 H HG2  . GLU A 1 13 ? -1.865  -14.252 -10.454 1.00 0.00 ? 13 GLU A HG2  1 
ATOM 198 H HG3  . GLU A 1 13 ? -2.600  -13.762 -8.927  1.00 0.00 ? 13 GLU A HG3  1 
ATOM 199 N N    . SER A 1 14 ? -0.683  -10.227 -7.963  1.00 0.00 ? 14 SER A N    1 
ATOM 200 C CA   . SER A 1 14 ? 0.388   -10.081 -7.011  1.00 0.00 ? 14 SER A CA   1 
ATOM 201 C C    . SER A 1 14 ? -0.162  -9.534  -5.718  1.00 0.00 ? 14 SER A C    1 
ATOM 202 O O    . SER A 1 14 ? 0.467   -9.575  -4.661  1.00 0.00 ? 14 SER A O    1 
ATOM 203 C CB   . SER A 1 14 ? 1.402   -9.130  -7.594  1.00 0.00 ? 14 SER A CB   1 
ATOM 204 O OG   . SER A 1 14 ? 2.730   -9.580  -7.389  1.00 0.00 ? 14 SER A OG   1 
ATOM 205 H H    . SER A 1 14 ? -0.916  -9.470  -8.524  1.00 0.00 ? 14 SER A H    1 
ATOM 206 H HA   . SER A 1 14 ? 0.811   -11.032 -6.833  1.00 0.00 ? 14 SER A HA   1 
ATOM 207 H HB2  . SER A 1 14 ? 1.209   -9.046  -8.646  1.00 0.00 ? 14 SER A HB2  1 
ATOM 208 H HB3  . SER A 1 14 ? 1.274   -8.167  -7.141  1.00 0.00 ? 14 SER A HB3  1 
ATOM 209 H HG   . SER A 1 14 ? 2.908   -10.327 -7.965  1.00 0.00 ? 14 SER A HG   1 
ATOM 210 N N    . PHE A 1 15 ? -1.361  -9.039  -5.844  1.00 0.00 ? 15 PHE A N    1 
ATOM 211 C CA   . PHE A 1 15 ? -2.094  -8.480  -4.739  1.00 0.00 ? 15 PHE A CA   1 
ATOM 212 C C    . PHE A 1 15 ? -2.860  -9.576  -4.030  1.00 0.00 ? 15 PHE A C    1 
ATOM 213 O O    . PHE A 1 15 ? -3.403  -9.390  -2.941  1.00 0.00 ? 15 PHE A O    1 
ATOM 214 C CB   . PHE A 1 15 ? -3.018  -7.304  -5.186  1.00 0.00 ? 15 PHE A CB   1 
ATOM 215 C CG   . PHE A 1 15 ? -4.521  -7.534  -5.011  1.00 0.00 ? 15 PHE A CG   1 
ATOM 216 C CD1  . PHE A 1 15 ? -5.169  -8.591  -5.662  1.00 0.00 ? 15 PHE A CD1  1 
ATOM 217 C CD2  . PHE A 1 15 ? -5.297  -6.693  -4.199  1.00 0.00 ? 15 PHE A CD2  1 
ATOM 218 C CE1  . PHE A 1 15 ? -6.527  -8.796  -5.504  1.00 0.00 ? 15 PHE A CE1  1 
ATOM 219 C CE2  . PHE A 1 15 ? -6.654  -6.908  -4.049  1.00 0.00 ? 15 PHE A CE2  1 
ATOM 220 C CZ   . PHE A 1 15 ? -7.266  -7.957  -4.699  1.00 0.00 ? 15 PHE A CZ   1 
ATOM 221 H H    . PHE A 1 15 ? -1.752  -9.071  -6.702  1.00 0.00 ? 15 PHE A H    1 
ATOM 222 H HA   . PHE A 1 15 ? -1.341  -8.138  -4.073  1.00 0.00 ? 15 PHE A HA   1 
ATOM 223 H HB2  . PHE A 1 15 ? -2.754  -6.428  -4.616  1.00 0.00 ? 15 PHE A HB2  1 
ATOM 224 H HB3  . PHE A 1 15 ? -2.842  -7.094  -6.239  1.00 0.00 ? 15 PHE A HB3  1 
ATOM 225 H HD1  . PHE A 1 15 ? -4.610  -9.255  -6.303  1.00 0.00 ? 15 PHE A HD1  1 
ATOM 226 H HD2  . PHE A 1 15 ? -4.841  -5.858  -3.687  1.00 0.00 ? 15 PHE A HD2  1 
ATOM 227 H HE1  . PHE A 1 15 ? -7.010  -9.616  -6.015  1.00 0.00 ? 15 PHE A HE1  1 
ATOM 228 H HE2  . PHE A 1 15 ? -7.236  -6.252  -3.419  1.00 0.00 ? 15 PHE A HE2  1 
ATOM 229 H HZ   . PHE A 1 15 ? -8.327  -8.123  -4.578  1.00 0.00 ? 15 PHE A HZ   1 
ATOM 230 N N    . ARG A 1 16 ? -2.814  -10.740 -4.639  1.00 0.00 ? 16 ARG A N    1 
ATOM 231 C CA   . ARG A 1 16 ? -3.412  -11.936 -4.071  1.00 0.00 ? 16 ARG A CA   1 
ATOM 232 C C    . ARG A 1 16 ? -2.277  -12.832 -3.632  1.00 0.00 ? 16 ARG A C    1 
ATOM 233 O O    . ARG A 1 16 ? -2.336  -14.060 -3.705  1.00 0.00 ? 16 ARG A O    1 
ATOM 234 C CB   . ARG A 1 16 ? -4.344  -12.668 -5.055  1.00 0.00 ? 16 ARG A CB   1 
ATOM 235 C CG   . ARG A 1 16 ? -4.493  -12.002 -6.419  1.00 0.00 ? 16 ARG A CG   1 
ATOM 236 C CD   . ARG A 1 16 ? -5.952  -11.737 -6.753  1.00 0.00 ? 16 ARG A CD   1 
ATOM 237 N NE   . ARG A 1 16 ? -6.536  -12.853 -7.516  1.00 0.00 ? 16 ARG A NE   1 
ATOM 238 C CZ   . ARG A 1 16 ? -7.808  -12.959 -7.973  1.00 0.00 ? 16 ARG A CZ   1 
ATOM 239 N NH1  . ARG A 1 16 ? -8.750  -12.020 -7.789  1.00 0.00 ? 16 ARG A NH1  1 
ATOM 240 N NH2  . ARG A 1 16 ? -8.144  -14.052 -8.645  1.00 0.00 ? 16 ARG A NH2  1 
ATOM 241 H H    . ARG A 1 16 ? -2.304  -10.802 -5.468  1.00 0.00 ? 16 ARG A H    1 
ATOM 242 H HA   . ARG A 1 16 ? -3.958  -11.637 -3.194  1.00 0.00 ? 16 ARG A HA   1 
ATOM 243 H HB2  . ARG A 1 16 ? -3.962  -13.666 -5.213  1.00 0.00 ? 16 ARG A HB2  1 
ATOM 244 H HB3  . ARG A 1 16 ? -5.324  -12.740 -4.607  1.00 0.00 ? 16 ARG A HB3  1 
ATOM 245 H HG2  . ARG A 1 16 ? -3.960  -11.066 -6.419  1.00 0.00 ? 16 ARG A HG2  1 
ATOM 246 H HG3  . ARG A 1 16 ? -4.076  -12.655 -7.172  1.00 0.00 ? 16 ARG A HG3  1 
ATOM 247 H HD2  . ARG A 1 16 ? -6.487  -11.610 -5.822  1.00 0.00 ? 16 ARG A HD2  1 
ATOM 248 H HD3  . ARG A 1 16 ? -6.000  -10.830 -7.339  1.00 0.00 ? 16 ARG A HD3  1 
ATOM 249 H HE   . ARG A 1 16 ? -5.932  -13.601 -7.710  1.00 0.00 ? 16 ARG A HE   1 
ATOM 250 H HH11 . ARG A 1 16 ? -8.562  -11.180 -7.296  1.00 0.00 ? 16 ARG A HH11 1 
ATOM 251 H HH12 . ARG A 1 16 ? -9.668  -12.172 -8.159  1.00 0.00 ? 16 ARG A HH12 1 
ATOM 252 H HH21 . ARG A 1 16 ? -7.466  -14.769 -8.801  1.00 0.00 ? 16 ARG A HH21 1 
ATOM 253 H HH22 . ARG A 1 16 ? -9.074  -14.157 -8.994  1.00 0.00 ? 16 ARG A HH22 1 
ATOM 254 N N    . PHE A 1 17 ? -1.236  -12.156 -3.182  1.00 0.00 ? 17 PHE A N    1 
ATOM 255 C CA   . PHE A 1 17 ? -0.016  -12.784 -2.710  1.00 0.00 ? 17 PHE A CA   1 
ATOM 256 C C    . PHE A 1 17 ? 0.276   -12.319 -1.282  1.00 0.00 ? 17 PHE A C    1 
ATOM 257 O O    . PHE A 1 17 ? 0.601   -13.127 -0.413  1.00 0.00 ? 17 PHE A O    1 
ATOM 258 C CB   . PHE A 1 17 ? 1.149   -12.441 -3.675  1.00 0.00 ? 17 PHE A CB   1 
ATOM 259 C CG   . PHE A 1 17 ? 2.481   -12.018 -3.009  1.00 0.00 ? 17 PHE A CG   1 
ATOM 260 C CD1  . PHE A 1 17 ? 2.581   -10.770 -2.367  1.00 0.00 ? 17 PHE A CD1  1 
ATOM 261 C CD2  . PHE A 1 17 ? 3.644   -12.834 -3.017  1.00 0.00 ? 17 PHE A CD2  1 
ATOM 262 C CE1  . PHE A 1 17 ? 3.758   -10.365 -1.768  1.00 0.00 ? 17 PHE A CE1  1 
ATOM 263 C CE2  . PHE A 1 17 ? 4.811   -12.406 -2.410  1.00 0.00 ? 17 PHE A CE2  1 
ATOM 264 C CZ   . PHE A 1 17 ? 4.866   -11.179 -1.789  1.00 0.00 ? 17 PHE A CZ   1 
ATOM 265 H H    . PHE A 1 17 ? -1.301  -11.184 -3.172  1.00 0.00 ? 17 PHE A H    1 
ATOM 266 H HA   . PHE A 1 17 ? -0.189  -13.852 -2.710  1.00 0.00 ? 17 PHE A HA   1 
ATOM 267 H HB2  . PHE A 1 17 ? 1.320   -13.283 -4.323  1.00 0.00 ? 17 PHE A HB2  1 
ATOM 268 H HB3  . PHE A 1 17 ? 0.820   -11.628 -4.295  1.00 0.00 ? 17 PHE A HB3  1 
ATOM 269 H HD1  . PHE A 1 17 ? 1.727   -10.106 -2.332  1.00 0.00 ? 17 PHE A HD1  1 
ATOM 270 H HD2  . PHE A 1 17 ? 3.651   -13.804 -3.497  1.00 0.00 ? 17 PHE A HD2  1 
ATOM 271 H HE1  . PHE A 1 17 ? 3.809   -9.403  -1.281  1.00 0.00 ? 17 PHE A HE1  1 
ATOM 272 H HE2  . PHE A 1 17 ? 5.685   -13.040 -2.423  1.00 0.00 ? 17 PHE A HE2  1 
ATOM 273 H HZ   . PHE A 1 17 ? 5.783   -10.854 -1.318  1.00 0.00 ? 17 PHE A HZ   1 
ATOM 274 N N    . GLY A 1 18 ? 0.139   -11.009 -1.039  1.00 0.00 ? 18 GLY A N    1 
ATOM 275 C CA   . GLY A 1 18 ? 0.374   -10.483 0.290   1.00 0.00 ? 18 GLY A CA   1 
ATOM 276 C C    . GLY A 1 18 ? -0.763  -10.796 1.233   1.00 0.00 ? 18 GLY A C    1 
ATOM 277 O O    . GLY A 1 18 ? -0.604  -10.715 2.450   1.00 0.00 ? 18 GLY A O    1 
ATOM 278 H H    . GLY A 1 18 ? -0.134  -10.399 -1.766  1.00 0.00 ? 18 GLY A H    1 
ATOM 279 H HA2  . GLY A 1 18 ? 1.277   -10.924 0.689   1.00 0.00 ? 18 GLY A HA2  1 
ATOM 280 H HA3  . GLY A 1 18 ? 0.498   -9.413  0.232   1.00 0.00 ? 18 GLY A HA3  1 
ATOM 281 N N    . GLU A 1 19 ? -1.910  -11.184 0.678   1.00 0.00 ? 19 GLU A N    1 
ATOM 282 C CA   . GLU A 1 19 ? -3.052  -11.535 1.505   1.00 0.00 ? 19 GLU A CA   1 
ATOM 283 C C    . GLU A 1 19 ? -2.847  -12.903 2.130   1.00 0.00 ? 19 GLU A C    1 
ATOM 284 O O    . GLU A 1 19 ? -3.662  -13.379 2.921   1.00 0.00 ? 19 GLU A O    1 
ATOM 285 C CB   . GLU A 1 19 ? -4.350  -11.497 0.697   1.00 0.00 ? 19 GLU A CB   1 
ATOM 286 C CG   . GLU A 1 19 ? -5.602  -11.477 1.557   1.00 0.00 ? 19 GLU A CG   1 
ATOM 287 C CD   . GLU A 1 19 ? -5.992  -10.076 1.987   1.00 0.00 ? 19 GLU A CD   1 
ATOM 288 O OE1  . GLU A 1 19 ? -5.091  -9.218  2.100   1.00 0.00 ? 19 GLU A OE1  1 
ATOM 289 O OE2  . GLU A 1 19 ? -7.197  -9.838  2.211   1.00 0.00 ? 19 GLU A OE2  1 
ATOM 290 H H    . GLU A 1 19 ? -1.981  -11.251 -0.299  1.00 0.00 ? 19 GLU A H    1 
ATOM 291 H HA   . GLU A 1 19 ? -3.097  -10.822 2.292   1.00 0.00 ? 19 GLU A HA   1 
ATOM 292 H HB2  . GLU A 1 19 ? -4.349  -10.611 0.080   1.00 0.00 ? 19 GLU A HB2  1 
ATOM 293 H HB3  . GLU A 1 19 ? -4.389  -12.368 0.061   1.00 0.00 ? 19 GLU A HB3  1 
ATOM 294 H HG2  . GLU A 1 19 ? -6.418  -11.904 0.994   1.00 0.00 ? 19 GLU A HG2  1 
ATOM 295 H HG3  . GLU A 1 19 ? -5.425  -12.073 2.441   1.00 0.00 ? 19 GLU A HG3  1 
ATOM 296 N N    . GLU A 1 20 ? -1.740  -13.517 1.764   1.00 0.00 ? 20 GLU A N    1 
ATOM 297 C CA   . GLU A 1 20 ? -1.368  -14.819 2.259   1.00 0.00 ? 20 GLU A CA   1 
ATOM 298 C C    . GLU A 1 20 ? -0.191  -14.712 3.218   1.00 0.00 ? 20 GLU A C    1 
ATOM 299 O O    . GLU A 1 20 ? 0.441   -15.707 3.572   1.00 0.00 ? 20 GLU A O    1 
ATOM 300 C CB   . GLU A 1 20 ? -1.010  -15.710 1.063   1.00 0.00 ? 20 GLU A CB   1 
ATOM 301 C CG   . GLU A 1 20 ? -0.866  -17.198 1.365   1.00 0.00 ? 20 GLU A CG   1 
ATOM 302 C CD   . GLU A 1 20 ? -0.053  -17.921 0.310   1.00 0.00 ? 20 GLU A CD   1 
ATOM 303 O OE1  . GLU A 1 20 ? -0.607  -18.213 -0.771  1.00 0.00 ? 20 GLU A OE1  1 
ATOM 304 O OE2  . GLU A 1 20 ? 1.139   -18.196 0.564   1.00 0.00 ? 20 GLU A OE2  1 
ATOM 305 H H    . GLU A 1 20 ? -1.155  -13.078 1.139   1.00 0.00 ? 20 GLU A H    1 
ATOM 306 H HA   . GLU A 1 20 ? -2.213  -15.203 2.788   1.00 0.00 ? 20 GLU A HA   1 
ATOM 307 H HB2  . GLU A 1 20 ? -1.769  -15.585 0.310   1.00 0.00 ? 20 GLU A HB2  1 
ATOM 308 H HB3  . GLU A 1 20 ? -0.070  -15.364 0.657   1.00 0.00 ? 20 GLU A HB3  1 
ATOM 309 H HG2  . GLU A 1 20 ? -0.368  -17.318 2.315   1.00 0.00 ? 20 GLU A HG2  1 
ATOM 310 H HG3  . GLU A 1 20 ? -1.847  -17.647 1.405   1.00 0.00 ? 20 GLU A HG3  1 
ATOM 311 N N    . THR A 1 21 ? 0.085   -13.490 3.631   1.00 0.00 ? 21 THR A N    1 
ATOM 312 C CA   . THR A 1 21 ? 1.179   -13.215 4.556   1.00 0.00 ? 21 THR A CA   1 
ATOM 313 C C    . THR A 1 21 ? 0.660   -13.098 5.986   1.00 0.00 ? 21 THR A C    1 
ATOM 314 O O    . THR A 1 21 ? 1.100   -12.236 6.748   1.00 0.00 ? 21 THR A O    1 
ATOM 315 C CB   . THR A 1 21 ? 1.902   -11.928 4.154   1.00 0.00 ? 21 THR A CB   1 
ATOM 316 O OG1  . THR A 1 21 ? 2.208   -11.937 2.771   1.00 0.00 ? 21 THR A OG1  1 
ATOM 317 C CG2  . THR A 1 21 ? 3.196   -11.709 4.910   1.00 0.00 ? 21 THR A CG2  1 
ATOM 318 H H    . THR A 1 21 ? -0.468  -12.754 3.304   1.00 0.00 ? 21 THR A H    1 
ATOM 319 H HA   . THR A 1 21 ? 1.872   -14.040 4.503   1.00 0.00 ? 21 THR A HA   1 
ATOM 320 H HB   . THR A 1 21 ? 1.255   -11.086 4.354   1.00 0.00 ? 21 THR A HB   1 
ATOM 321 H HG1  . THR A 1 21 ? 2.476   -11.056 2.497   1.00 0.00 ? 21 THR A HG1  1 
ATOM 322 H HG21 . THR A 1 21 ? 3.161   -12.241 5.849   1.00 0.00 ? 21 THR A HG21 1 
ATOM 323 H HG22 . THR A 1 21 ? 4.024   -12.075 4.320   1.00 0.00 ? 21 THR A HG22 1 
ATOM 324 H HG23 . THR A 1 21 ? 3.329   -10.653 5.100   1.00 0.00 ? 21 THR A HG23 1 
ATOM 325 N N    . THR A 1 22 ? -0.278  -13.974 6.342   1.00 0.00 ? 22 THR A N    1 
ATOM 326 C CA   . THR A 1 22 ? -0.867  -13.983 7.680   1.00 0.00 ? 22 THR A CA   1 
ATOM 327 C C    . THR A 1 22 ? -1.225  -12.571 8.143   1.00 0.00 ? 22 THR A C    1 
ATOM 328 O O    . THR A 1 22 ? -0.968  -12.197 9.286   1.00 0.00 ? 22 THR A O    1 
ATOM 329 C CB   . THR A 1 22 ? 0.090   -14.638 8.680   1.00 0.00 ? 22 THR A CB   1 
ATOM 330 O OG1  . THR A 1 22 ? -0.532  -14.790 9.943   1.00 0.00 ? 22 THR A OG1  1 
ATOM 331 C CG2  . THR A 1 22 ? 1.370   -13.857 8.891   1.00 0.00 ? 22 THR A CG2  1 
ATOM 332 H H    . THR A 1 22 ? -0.584  -14.634 5.685   1.00 0.00 ? 22 THR A H    1 
ATOM 333 H HA   . THR A 1 22 ? -1.773  -14.568 7.633   1.00 0.00 ? 22 THR A HA   1 
ATOM 334 H HB   . THR A 1 22 ? 0.358   -15.619 8.315   1.00 0.00 ? 22 THR A HB   1 
ATOM 335 H HG1  . THR A 1 22 ? -1.155  -15.520 9.907   1.00 0.00 ? 22 THR A HG1  1 
ATOM 336 H HG21 . THR A 1 22 ? 1.148   -12.801 8.916   1.00 0.00 ? 22 THR A HG21 1 
ATOM 337 H HG22 . THR A 1 22 ? 1.822   -14.153 9.827   1.00 0.00 ? 22 THR A HG22 1 
ATOM 338 H HG23 . THR A 1 22 ? 2.054   -14.062 8.080   1.00 0.00 ? 22 THR A HG23 1 
ATOM 339 N N    . THR A 1 23 ? -1.822  -11.795 7.245   1.00 0.00 ? 23 THR A N    1 
ATOM 340 C CA   . THR A 1 23 ? -2.217  -10.425 7.560   1.00 0.00 ? 23 THR A CA   1 
ATOM 341 C C    . THR A 1 23 ? -3.453  -10.404 8.461   1.00 0.00 ? 23 THR A C    1 
ATOM 342 O O    . THR A 1 23 ? -3.426  -9.829  9.548   1.00 0.00 ? 23 THR A O    1 
ATOM 343 C CB   . THR A 1 23 ? -2.491  -9.638  6.275   1.00 0.00 ? 23 THR A CB   1 
ATOM 344 O OG1  . THR A 1 23 ? -2.151  -10.405 5.132   1.00 0.00 ? 23 THR A OG1  1 
ATOM 345 C CG2  . THR A 1 23 ? -1.720  -8.334  6.197   1.00 0.00 ? 23 THR A CG2  1 
ATOM 346 H H    . THR A 1 23 ? -2.002  -12.149 6.349   1.00 0.00 ? 23 THR A H    1 
ATOM 347 H HA   . THR A 1 23 ? -1.398  -9.960  8.087   1.00 0.00 ? 23 THR A HA   1 
ATOM 348 H HB   . THR A 1 23 ? -3.548  -9.406  6.223   1.00 0.00 ? 23 THR A HB   1 
ATOM 349 H HG1  . THR A 1 23 ? -2.312  -9.888  4.340   1.00 0.00 ? 23 THR A HG1  1 
ATOM 350 H HG21 . THR A 1 23 ? -0.661  -8.539  6.263   1.00 0.00 ? 23 THR A HG21 1 
ATOM 351 H HG22 . THR A 1 23 ? -1.932  -7.841  5.258   1.00 0.00 ? 23 THR A HG22 1 
ATOM 352 H HG23 . THR A 1 23 ? -2.012  -7.689  7.015   1.00 0.00 ? 23 THR A HG23 1 
ATOM 353 N N    . PRO A 1 24 ? -4.558  -11.030 8.017   1.00 0.00 ? 24 PRO A N    1 
ATOM 354 C CA   . PRO A 1 24 ? -5.803  -11.073 8.790   1.00 0.00 ? 24 PRO A CA   1 
ATOM 355 C C    . PRO A 1 24 ? -5.725  -12.040 9.966   1.00 0.00 ? 24 PRO A C    1 
ATOM 356 O O    . PRO A 1 24 ? -5.414  -13.218 9.795   1.00 0.00 ? 24 PRO A O    1 
ATOM 357 C CB   . PRO A 1 24 ? -6.833  -11.554 7.768   1.00 0.00 ? 24 PRO A CB   1 
ATOM 358 C CG   . PRO A 1 24 ? -6.051  -12.368 6.798   1.00 0.00 ? 24 PRO A CG   1 
ATOM 359 C CD   . PRO A 1 24 ? -4.683  -11.740 6.728   1.00 0.00 ? 24 PRO A CD   1 
ATOM 360 H HA   . PRO A 1 24 ? -6.078  -10.093 9.149   1.00 0.00 ? 24 PRO A HA   1 
ATOM 361 H HB2  . PRO A 1 24 ? -7.588  -12.146 8.265   1.00 0.00 ? 24 PRO A HB2  1 
ATOM 362 H HB3  . PRO A 1 24 ? -7.293  -10.703 7.288   1.00 0.00 ? 24 PRO A HB3  1 
ATOM 363 H HG2  . PRO A 1 24 ? -5.977  -13.386 7.149   1.00 0.00 ? 24 PRO A HG2  1 
ATOM 364 H HG3  . PRO A 1 24 ? -6.525  -12.339 5.828   1.00 0.00 ? 24 PRO A HG3  1 
ATOM 365 H HD2  . PRO A 1 24 ? -3.926  -12.503 6.634   1.00 0.00 ? 24 PRO A HD2  1 
ATOM 366 H HD3  . PRO A 1 24 ? -4.627  -11.048 5.901   1.00 0.00 ? 24 PRO A HD3  1 
ATOM 367 N N    . SER A 1 25 ? -6.014  -11.532 11.161  1.00 0.00 ? 25 SER A N    1 
ATOM 368 C CA   . SER A 1 25 ? -5.980  -12.351 12.368  1.00 0.00 ? 25 SER A CA   1 
ATOM 369 C C    . SER A 1 25 ? -7.392  -12.689 12.835  1.00 0.00 ? 25 SER A C    1 
ATOM 370 O O    . SER A 1 25 ? -8.337  -11.944 12.577  1.00 0.00 ? 25 SER A O    1 
ATOM 371 C CB   . SER A 1 25 ? -5.221  -11.625 13.480  1.00 0.00 ? 25 SER A CB   1 
ATOM 372 O OG   . SER A 1 25 ? -4.712  -12.542 14.434  1.00 0.00 ? 25 SER A OG   1 
ATOM 373 H H    . SER A 1 25 ? -6.256  -10.585 11.233  1.00 0.00 ? 25 SER A H    1 
ATOM 374 H HA   . SER A 1 25 ? -5.462  -13.269 12.130  1.00 0.00 ? 25 SER A HA   1 
ATOM 375 H HB2  . SER A 1 25 ? -4.396  -11.077 13.052  1.00 0.00 ? 25 SER A HB2  1 
ATOM 376 H HB3  . SER A 1 25 ? -5.889  -10.939 13.980  1.00 0.00 ? 25 SER A HB3  1 
ATOM 377 H HG   . SER A 1 25 ? -5.380  -13.204 14.631  1.00 0.00 ? 25 SER A HG   1 
ATOM 378 N N    . GLN A 1 26 ? -7.528  -13.819 13.523  1.00 0.00 ? 26 GLN A N    1 
ATOM 379 C CA   . GLN A 1 26 ? -8.824  -14.256 14.027  1.00 0.00 ? 26 GLN A CA   1 
ATOM 380 C C    . GLN A 1 26 ? -9.426  -13.213 14.964  1.00 0.00 ? 26 GLN A C    1 
ATOM 381 O O    . GLN A 1 26 ? -8.814  -12.831 15.960  1.00 0.00 ? 26 GLN A O    1 
ATOM 382 C CB   . GLN A 1 26 ? -8.685  -15.594 14.756  1.00 0.00 ? 26 GLN A CB   1 
ATOM 383 C CG   . GLN A 1 26 ? -9.936  -16.455 14.697  1.00 0.00 ? 26 GLN A CG   1 
ATOM 384 C CD   . GLN A 1 26 ? -10.065 -17.378 15.893  1.00 0.00 ? 26 GLN A CD   1 
ATOM 385 O OE1  . GLN A 1 26 ? -10.913 -17.174 16.761  1.00 0.00 ? 26 GLN A OE1  1 
ATOM 386 N NE2  . GLN A 1 26 ? -9.220  -18.401 15.944  1.00 0.00 ? 26 GLN A NE2  1 
ATOM 387 H H    . GLN A 1 26 ? -6.737  -14.371 13.696  1.00 0.00 ? 26 GLN A H    1 
ATOM 388 H HA   . GLN A 1 26 ? -9.482  -14.385 13.180  1.00 0.00 ? 26 GLN A HA   1 
ATOM 389 H HB2  . GLN A 1 26 ? -7.871  -16.148 14.314  1.00 0.00 ? 26 GLN A HB2  1 
ATOM 390 H HB3  . GLN A 1 26 ? -8.455  -15.401 15.794  1.00 0.00 ? 26 GLN A HB3  1 
ATOM 391 H HG2  . GLN A 1 26 ? -10.801 -15.810 14.666  1.00 0.00 ? 26 GLN A HG2  1 
ATOM 392 H HG3  . GLN A 1 26 ? -9.902  -17.055 13.800  1.00 0.00 ? 26 GLN A HG3  1 
ATOM 393 H HE21 . GLN A 1 26 ? -8.570  -18.501 15.218  1.00 0.00 ? 26 GLN A HE21 1 
ATOM 394 H HE22 . GLN A 1 26 ? -9.281  -19.014 16.708  1.00 0.00 ? 26 GLN A HE22 1 
ATOM 395 N N    . LYS A 1 27 ? -10.631 -12.755 14.636  1.00 0.00 ? 27 LYS A N    1 
ATOM 396 C CA   . LYS A 1 27 ? -11.316 -11.756 15.447  1.00 0.00 ? 27 LYS A CA   1 
ATOM 397 C C    . LYS A 1 27 ? -10.499 -10.472 15.538  1.00 0.00 ? 27 LYS A C    1 
ATOM 398 O O    . LYS A 1 27 ? -9.292  -10.473 15.291  1.00 0.00 ? 27 LYS A O    1 
ATOM 399 C CB   . LYS A 1 27 ? -11.579 -12.301 16.849  1.00 0.00 ? 27 LYS A CB   1 
ATOM 400 C CG   . LYS A 1 27 ? -12.764 -13.258 16.951  1.00 0.00 ? 27 LYS A CG   1 
ATOM 401 C CD   . LYS A 1 27 ? -12.726 -14.050 18.254  1.00 0.00 ? 27 LYS A CD   1 
ATOM 402 C CE   . LYS A 1 27 ? -12.654 -13.143 19.477  1.00 0.00 ? 27 LYS A CE   1 
ATOM 403 N NZ   . LYS A 1 27 ? -13.559 -11.967 19.354  1.00 0.00 ? 27 LYS A NZ   1 
ATOM 404 H H    . LYS A 1 27 ? -11.069 -13.096 13.829  1.00 0.00 ? 27 LYS A H    1 
ATOM 405 H HA   . LYS A 1 27 ? -12.252 -11.536 14.979  1.00 0.00 ? 27 LYS A HA   1 
ATOM 406 H HB2  . LYS A 1 27 ? -10.703 -12.824 17.164  1.00 0.00 ? 27 LYS A HB2  1 
ATOM 407 H HB3  . LYS A 1 27 ? -11.754 -11.471 17.517  1.00 0.00 ? 27 LYS A HB3  1 
ATOM 408 H HG2  . LYS A 1 27 ? -13.684 -12.691 16.912  1.00 0.00 ? 27 LYS A HG2  1 
ATOM 409 H HG3  . LYS A 1 27 ? -12.730 -13.951 16.122  1.00 0.00 ? 27 LYS A HG3  1 
ATOM 410 H HD2  . LYS A 1 27 ? -13.620 -14.652 18.320  1.00 0.00 ? 27 LYS A HD2  1 
ATOM 411 H HD3  . LYS A 1 27 ? -11.859 -14.695 18.244  1.00 0.00 ? 27 LYS A HD3  1 
ATOM 412 H HE2  . LYS A 1 27 ? -12.938 -13.714 20.350  1.00 0.00 ? 27 LYS A HE2  1 
ATOM 413 H HE3  . LYS A 1 27 ? -11.636 -12.794 19.594  1.00 0.00 ? 27 LYS A HE3  1 
ATOM 414 H HZ1  . LYS A 1 27 ? -14.349 -12.189 18.714  1.00 0.00 ? 27 LYS A HZ1  1 
ATOM 415 H HZ2  . LYS A 1 27 ? -13.945 -11.715 20.286  1.00 0.00 ? 27 LYS A HZ2  1 
ATOM 416 H HZ3  . LYS A 1 27 ? -13.038 -11.150 18.975  1.00 0.00 ? 27 LYS A HZ3  1 
ATOM 417 N N    . GLN A 1 28 ? -11.165 -9.378  15.895  1.00 0.00 ? 28 GLN A N    1 
ATOM 418 C CA   . GLN A 1 28 ? -10.502 -8.085  16.022  1.00 0.00 ? 28 GLN A CA   1 
ATOM 419 C C    . GLN A 1 28 ? -9.846  -7.676  14.706  1.00 0.00 ? 28 GLN A C    1 
ATOM 420 O O    . GLN A 1 28 ? -9.813  -8.451  13.750  1.00 0.00 ? 28 GLN A O    1 
ATOM 421 C CB   . GLN A 1 28 ? -9.454  -8.134  17.138  1.00 0.00 ? 28 GLN A CB   1 
ATOM 422 C CG   . GLN A 1 28 ? -9.620  -7.034  18.174  1.00 0.00 ? 28 GLN A CG   1 
ATOM 423 C CD   . GLN A 1 28 ? -9.608  -7.563  19.595  1.00 0.00 ? 28 GLN A CD   1 
ATOM 424 O OE1  . GLN A 1 28 ? -8.637  -7.381  20.329  1.00 0.00 ? 28 GLN A OE1  1 
ATOM 425 N NE2  . GLN A 1 28 ? -10.691 -8.223  19.990  1.00 0.00 ? 28 GLN A NE2  1 
ATOM 426 H H    . GLN A 1 28 ? -12.125 -9.443  16.081  1.00 0.00 ? 28 GLN A H    1 
ATOM 427 H HA   . GLN A 1 28 ? -11.253 -7.353  16.278  1.00 0.00 ? 28 GLN A HA   1 
ATOM 428 H HB2  . GLN A 1 28 ? -9.525  -9.087  17.640  1.00 0.00 ? 28 GLN A HB2  1 
ATOM 429 H HB3  . GLN A 1 28 ? -8.471  -8.041  16.700  1.00 0.00 ? 28 GLN A HB3  1 
ATOM 430 H HG2  . GLN A 1 28 ? -8.811  -6.328  18.063  1.00 0.00 ? 28 GLN A HG2  1 
ATOM 431 H HG3  . GLN A 1 28 ? -10.561 -6.533  18.000  1.00 0.00 ? 28 GLN A HG3  1 
ATOM 432 H HE21 . GLN A 1 28 ? -11.426 -8.329  19.351  1.00 0.00 ? 28 GLN A HE21 1 
ATOM 433 H HE22 . GLN A 1 28 ? -10.709 -8.575  20.904  1.00 0.00 ? 28 GLN A HE22 1 
ATOM 434 N N    . GLU A 1 29 ? -9.328  -6.453  14.665  1.00 0.00 ? 29 GLU A N    1 
ATOM 435 C CA   . GLU A 1 29 ? -8.674  -5.938  13.469  1.00 0.00 ? 29 GLU A CA   1 
ATOM 436 C C    . GLU A 1 29 ? -7.248  -5.486  13.780  1.00 0.00 ? 29 GLU A C    1 
ATOM 437 O O    . GLU A 1 29 ? -7.037  -4.379  14.275  1.00 0.00 ? 29 GLU A O    1 
ATOM 438 C CB   . GLU A 1 29 ? -9.476  -4.769  12.889  1.00 0.00 ? 29 GLU A CB   1 
ATOM 439 C CG   . GLU A 1 29 ? -10.468 -5.187  11.816  1.00 0.00 ? 29 GLU A CG   1 
ATOM 440 C CD   . GLU A 1 29 ? -10.207 -4.512  10.484  1.00 0.00 ? 29 GLU A CD   1 
ATOM 441 O OE1  . GLU A 1 29 ? -9.436  -5.071  9.676   1.00 0.00 ? 29 GLU A OE1  1 
ATOM 442 O OE2  . GLU A 1 29 ? -10.774 -3.424  10.248  1.00 0.00 ? 29 GLU A OE2  1 
ATOM 443 H H    . GLU A 1 29 ? -9.388  -5.883  15.461  1.00 0.00 ? 29 GLU A H    1 
ATOM 444 H HA   . GLU A 1 29 ? -8.639  -6.733  12.741  1.00 0.00 ? 29 GLU A HA   1 
ATOM 445 H HB2  . GLU A 1 29 ? -10.022 -4.291  13.688  1.00 0.00 ? 29 GLU A HB2  1 
ATOM 446 H HB3  . GLU A 1 29 ? -8.789  -4.056  12.457  1.00 0.00 ? 29 GLU A HB3  1 
ATOM 447 H HG2  . GLU A 1 29 ? -10.403 -6.256  11.680  1.00 0.00 ? 29 GLU A HG2  1 
ATOM 448 H HG3  . GLU A 1 29 ? -11.464 -4.928  12.145  1.00 0.00 ? 29 GLU A HG3  1 
ATOM 449 N N    . PRO A 1 30 ? -6.246  -6.337  13.494  1.00 0.00 ? 30 PRO A N    1 
ATOM 450 C CA   . PRO A 1 30 ? -4.851  -6.045  13.733  1.00 0.00 ? 30 PRO A CA   1 
ATOM 451 C C    . PRO A 1 30 ? -4.176  -5.552  12.476  1.00 0.00 ? 30 PRO A C    1 
ATOM 452 O O    . PRO A 1 30 ? -2.960  -5.648  12.305  1.00 0.00 ? 30 PRO A O    1 
ATOM 453 C CB   . PRO A 1 30 ? -4.302  -7.407  14.171  1.00 0.00 ? 30 PRO A CB   1 
ATOM 454 C CG   . PRO A 1 30 ? -5.299  -8.425  13.666  1.00 0.00 ? 30 PRO A CG   1 
ATOM 455 C CD   . PRO A 1 30 ? -6.366  -7.661  12.916  1.00 0.00 ? 30 PRO A CD   1 
ATOM 456 H HA   . PRO A 1 30 ? -4.735  -5.315  14.498  1.00 0.00 ? 30 PRO A HA   1 
ATOM 457 H HB2  . PRO A 1 30 ? -3.327  -7.560  13.734  1.00 0.00 ? 30 PRO A HB2  1 
ATOM 458 H HB3  . PRO A 1 30 ? -4.227  -7.435  15.248  1.00 0.00 ? 30 PRO A HB3  1 
ATOM 459 H HG2  . PRO A 1 30 ? -4.805  -9.119  13.004  1.00 0.00 ? 30 PRO A HG2  1 
ATOM 460 H HG3  . PRO A 1 30 ? -5.735  -8.952  14.502  1.00 0.00 ? 30 PRO A HG3  1 
ATOM 461 H HD2  . PRO A 1 30 ? -6.151  -7.647  11.859  1.00 0.00 ? 30 PRO A HD2  1 
ATOM 462 H HD3  . PRO A 1 30 ? -7.338  -8.067  13.096  1.00 0.00 ? 30 PRO A HD3  1 
ATOM 463 N N    . ILE A 1 31 ? -5.002  -5.012  11.617  1.00 0.00 ? 31 ILE A N    1 
ATOM 464 C CA   . ILE A 1 31 ? -4.569  -4.463  10.353  1.00 0.00 ? 31 ILE A CA   1 
ATOM 465 C C    . ILE A 1 31 ? -4.773  -2.953  10.348  1.00 0.00 ? 31 ILE A C    1 
ATOM 466 O O    . ILE A 1 31 ? -5.131  -2.338  9.344   1.00 0.00 ? 31 ILE A O    1 
ATOM 467 C CB   . ILE A 1 31 ? -5.308  -5.145  9.179   1.00 0.00 ? 31 ILE A CB   1 
ATOM 468 C CG1  . ILE A 1 31 ? -4.749  -6.551  8.969   1.00 0.00 ? 31 ILE A CG1  1 
ATOM 469 C CG2  . ILE A 1 31 ? -5.199  -4.334  7.901   1.00 0.00 ? 31 ILE A CG2  1 
ATOM 470 C CD1  . ILE A 1 31 ? -5.680  -7.645  9.433   1.00 0.00 ? 31 ILE A CD1  1 
ATOM 471 H H    . ILE A 1 31 ? -5.940  -4.978  11.853  1.00 0.00 ? 31 ILE A H    1 
ATOM 472 H HA   . ILE A 1 31 ? -3.516  -4.660  10.265  1.00 0.00 ? 31 ILE A HA   1 
ATOM 473 H HB   . ILE A 1 31 ? -6.353  -5.221  9.437   1.00 0.00 ? 31 ILE A HB   1 
ATOM 474 H HG12 . ILE A 1 31 ? -4.554  -6.704  7.917   1.00 0.00 ? 31 ILE A HG12 1 
ATOM 475 H HG13 . ILE A 1 31 ? -3.823  -6.646  9.519   1.00 0.00 ? 31 ILE A HG13 1 
ATOM 476 H HG21 . ILE A 1 31 ? -4.299  -3.742  7.931   1.00 0.00 ? 31 ILE A HG21 1 
ATOM 477 H HG22 . ILE A 1 31 ? -5.166  -5.001  7.053   1.00 0.00 ? 31 ILE A HG22 1 
ATOM 478 H HG23 . ILE A 1 31 ? -6.056  -3.684  7.819   1.00 0.00 ? 31 ILE A HG23 1 
ATOM 479 H HD11 . ILE A 1 31 ? -6.516  -7.206  9.956   1.00 0.00 ? 31 ILE A HD11 1 
ATOM 480 H HD12 . ILE A 1 31 ? -6.040  -8.199  8.577   1.00 0.00 ? 31 ILE A HD12 1 
ATOM 481 H HD13 . ILE A 1 31 ? -5.149  -8.311  10.096  1.00 0.00 ? 31 ILE A HD13 1 
ATOM 482 N N    . ASP A 1 32 ? -4.506  -2.371  11.498  1.00 0.00 ? 32 ASP A N    1 
ATOM 483 C CA   . ASP A 1 32 ? -4.610  -0.930  11.683  1.00 0.00 ? 32 ASP A CA   1 
ATOM 484 C C    . ASP A 1 32 ? -3.462  -0.448  12.549  1.00 0.00 ? 32 ASP A C    1 
ATOM 485 O O    . ASP A 1 32 ? -3.569  0.508   13.318  1.00 0.00 ? 32 ASP A O    1 
ATOM 486 C CB   . ASP A 1 32 ? -5.959  -0.560  12.295  1.00 0.00 ? 32 ASP A CB   1 
ATOM 487 C CG   . ASP A 1 32 ? -6.160  -1.177  13.665  1.00 0.00 ? 32 ASP A CG   1 
ATOM 488 O OD1  . ASP A 1 32 ? -5.550  -2.233  13.936  1.00 0.00 ? 32 ASP A OD1  1 
ATOM 489 O OD2  . ASP A 1 32 ? -6.927  -0.604  14.467  1.00 0.00 ? 32 ASP A OD2  1 
ATOM 490 H H    . ASP A 1 32 ? -4.207  -2.930  12.243  1.00 0.00 ? 32 ASP A H    1 
ATOM 491 H HA   . ASP A 1 32 ? -4.503  -0.477  10.704  1.00 0.00 ? 32 ASP A HA   1 
ATOM 492 H HB2  . ASP A 1 32 ? -6.026  0.511   12.392  1.00 0.00 ? 32 ASP A HB2  1 
ATOM 493 H HB3  . ASP A 1 32 ? -6.746  -0.910  11.646  1.00 0.00 ? 32 ASP A HB3  1 
ATOM 494 N N    . LYS A 1 33 ? -2.361  -1.137  12.363  1.00 0.00 ? 33 LYS A N    1 
ATOM 495 C CA   . LYS A 1 33 ? -1.104  -0.871  13.040  1.00 0.00 ? 33 LYS A CA   1 
ATOM 496 C C    . LYS A 1 33 ? -0.009  -0.928  12.012  1.00 0.00 ? 33 LYS A C    1 
ATOM 497 O O    . LYS A 1 33 ? 0.773   0.007   11.835  1.00 0.00 ? 33 LYS A O    1 
ATOM 498 C CB   . LYS A 1 33 ? -0.858  -1.900  14.148  1.00 0.00 ? 33 LYS A CB   1 
ATOM 499 C CG   . LYS A 1 33 ? -1.499  -1.526  15.474  1.00 0.00 ? 33 LYS A CG   1 
ATOM 500 C CD   . LYS A 1 33 ? -0.504  -0.852  16.406  1.00 0.00 ? 33 LYS A CD   1 
ATOM 501 C CE   . LYS A 1 33 ? 0.000   -1.811  17.473  1.00 0.00 ? 33 LYS A CE   1 
ATOM 502 N NZ   . LYS A 1 33 ? 0.731   -1.101  18.558  1.00 0.00 ? 33 LYS A NZ   1 
ATOM 503 H H    . LYS A 1 33 ? -2.395  -1.856  11.712  1.00 0.00 ? 33 LYS A H    1 
ATOM 504 H HA   . LYS A 1 33 ? -1.131  0.099   13.450  1.00 0.00 ? 33 LYS A HA   1 
ATOM 505 H HB2  . LYS A 1 33 ? -1.259  -2.853  13.835  1.00 0.00 ? 33 LYS A HB2  1 
ATOM 506 H HB3  . LYS A 1 33 ? 0.207   -1.999  14.302  1.00 0.00 ? 33 LYS A HB3  1 
ATOM 507 H HG2  . LYS A 1 33 ? -2.318  -0.848  15.288  1.00 0.00 ? 33 LYS A HG2  1 
ATOM 508 H HG3  . LYS A 1 33 ? -1.872  -2.422  15.947  1.00 0.00 ? 33 LYS A HG3  1 
ATOM 509 H HD2  . LYS A 1 33 ? 0.336   -0.499  15.826  1.00 0.00 ? 33 LYS A HD2  1 
ATOM 510 H HD3  . LYS A 1 33 ? -0.989  -0.014  16.888  1.00 0.00 ? 33 LYS A HD3  1 
ATOM 511 H HE2  . LYS A 1 33 ? -0.845  -2.330  17.900  1.00 0.00 ? 33 LYS A HE2  1 
ATOM 512 H HE3  . LYS A 1 33 ? 0.665   -2.526  17.010  1.00 0.00 ? 33 LYS A HE3  1 
ATOM 513 H HZ1  . LYS A 1 33 ? 1.308   -0.334  18.159  1.00 0.00 ? 33 LYS A HZ1  1 
ATOM 514 H HZ2  . LYS A 1 33 ? 0.057   -0.697  19.238  1.00 0.00 ? 33 LYS A HZ2  1 
ATOM 515 H HZ3  . LYS A 1 33 ? 1.356   -1.764  19.060  1.00 0.00 ? 33 LYS A HZ3  1 
ATOM 516 N N    . GLU A 1 34 ? 0.010   -2.044  11.332  1.00 0.00 ? 34 GLU A N    1 
ATOM 517 C CA   . GLU A 1 34 ? 0.957   -2.303  10.296  1.00 0.00 ? 34 GLU A CA   1 
ATOM 518 C C    . GLU A 1 34 ? 0.428   -1.953  8.915   1.00 0.00 ? 34 GLU A C    1 
ATOM 519 O O    . GLU A 1 34 ? 1.164   -2.038  7.933   1.00 0.00 ? 34 GLU A O    1 
ATOM 520 C CB   . GLU A 1 34 ? 1.408   -3.763  10.338  1.00 0.00 ? 34 GLU A CB   1 
ATOM 521 C CG   . GLU A 1 34 ? 2.307   -4.089  11.521  1.00 0.00 ? 34 GLU A CG   1 
ATOM 522 C CD   . GLU A 1 34 ? 3.759   -4.259  11.120  1.00 0.00 ? 34 GLU A CD   1 
ATOM 523 O OE1  . GLU A 1 34 ? 4.218   -3.520  10.224  1.00 0.00 ? 34 GLU A OE1  1 
ATOM 524 O OE2  . GLU A 1 34 ? 4.437   -5.130  11.703  1.00 0.00 ? 34 GLU A OE2  1 
ATOM 525 H H    . GLU A 1 34 ? -0.626  -2.707  11.546  1.00 0.00 ? 34 GLU A H    1 
ATOM 526 H HA   . GLU A 1 34 ? 1.762   -1.682  10.494  1.00 0.00 ? 34 GLU A HA   1 
ATOM 527 H HB2  . GLU A 1 34 ? 0.530   -4.395  10.394  1.00 0.00 ? 34 GLU A HB2  1 
ATOM 528 H HB3  . GLU A 1 34 ? 1.946   -3.987  9.430   1.00 0.00 ? 34 GLU A HB3  1 
ATOM 529 H HG2  . GLU A 1 34 ? 2.240   -3.285  12.239  1.00 0.00 ? 34 GLU A HG2  1 
ATOM 530 H HG3  . GLU A 1 34 ? 1.963   -5.006  11.975  1.00 0.00 ? 34 GLU A HG3  1 
ATOM 531 N N    . LEU A 1 35 ? -0.820  -1.521  8.839   1.00 0.00 ? 35 LEU A N    1 
ATOM 532 C CA   . LEU A 1 35 ? -1.401  -1.130  7.563   1.00 0.00 ? 35 LEU A CA   1 
ATOM 533 C C    . LEU A 1 35 ? -2.196  0.138   7.726   1.00 0.00 ? 35 LEU A C    1 
ATOM 534 O O    . LEU A 1 35 ? -3.248  0.338   7.118   1.00 0.00 ? 35 LEU A O    1 
ATOM 535 C CB   . LEU A 1 35 ? -2.273  -2.237  6.966   1.00 0.00 ? 35 LEU A CB   1 
ATOM 536 C CG   . LEU A 1 35 ? -1.740  -3.653  7.160   1.00 0.00 ? 35 LEU A CG   1 
ATOM 537 C CD1  . LEU A 1 35 ? -2.618  -4.669  6.445   1.00 0.00 ? 35 LEU A CD1  1 
ATOM 538 C CD2  . LEU A 1 35 ? -0.305  -3.750  6.678   1.00 0.00 ? 35 LEU A CD2  1 
ATOM 539 H H    . LEU A 1 35 ? -1.345  -1.425  9.658   1.00 0.00 ? 35 LEU A H    1 
ATOM 540 H HA   . LEU A 1 35 ? -0.583  -0.929  6.918   1.00 0.00 ? 35 LEU A HA   1 
ATOM 541 H HB2  . LEU A 1 35 ? -3.252  -2.177  7.418   1.00 0.00 ? 35 LEU A HB2  1 
ATOM 542 H HB3  . LEU A 1 35 ? -2.373  -2.056  5.907   1.00 0.00 ? 35 LEU A HB3  1 
ATOM 543 H HG   . LEU A 1 35 ? -1.748  -3.880  8.211   1.00 0.00 ? 35 LEU A HG   1 
ATOM 544 H HD11 . LEU A 1 35 ? -3.507  -4.180  6.074   1.00 0.00 ? 35 LEU A HD11 1 
ATOM 545 H HD12 . LEU A 1 35 ? -2.073  -5.099  5.618   1.00 0.00 ? 35 LEU A HD12 1 
ATOM 546 H HD13 . LEU A 1 35 ? -2.900  -5.450  7.135   1.00 0.00 ? 35 LEU A HD13 1 
ATOM 547 H HD21 . LEU A 1 35 ? -0.002  -2.803  6.260   1.00 0.00 ? 35 LEU A HD21 1 
ATOM 548 H HD22 . LEU A 1 35 ? 0.333   -3.994  7.515   1.00 0.00 ? 35 LEU A HD22 1 
ATOM 549 H HD23 . LEU A 1 35 ? -0.224  -4.521  5.926   1.00 0.00 ? 35 LEU A HD23 1 
ATOM 550 N N    . TYR A 1 36 ? -1.678  0.965   8.594   1.00 0.00 ? 36 TYR A N    1 
ATOM 551 C CA   . TYR A 1 36 ? -2.284  2.219   8.945   1.00 0.00 ? 36 TYR A CA   1 
ATOM 552 C C    . TYR A 1 36 ? -1.376  3.408   8.717   1.00 0.00 ? 36 TYR A C    1 
ATOM 553 O O    . TYR A 1 36 ? -1.767  4.398   8.098   1.00 0.00 ? 36 TYR A O    1 
ATOM 554 C CB   . TYR A 1 36 ? -2.698  2.122   10.371  1.00 0.00 ? 36 TYR A CB   1 
ATOM 555 C CG   . TYR A 1 36 ? -3.723  3.122   10.779  1.00 0.00 ? 36 TYR A CG   1 
ATOM 556 C CD1  . TYR A 1 36 ? -3.550  4.469   10.519  1.00 0.00 ? 36 TYR A CD1  1 
ATOM 557 C CD2  . TYR A 1 36 ? -4.865  2.706   11.422  1.00 0.00 ? 36 TYR A CD2  1 
ATOM 558 C CE1  . TYR A 1 36 ? -4.508  5.390   10.900  1.00 0.00 ? 36 TYR A CE1  1 
ATOM 559 C CE2  . TYR A 1 36 ? -5.834  3.611   11.810  1.00 0.00 ? 36 TYR A CE2  1 
ATOM 560 C CZ   . TYR A 1 36 ? -5.650  4.955   11.547  1.00 0.00 ? 36 TYR A CZ   1 
ATOM 561 O OH   . TYR A 1 36 ? -6.608  5.865   11.929  1.00 0.00 ? 36 TYR A OH   1 
ATOM 562 H H    . TYR A 1 36 ? -0.873  0.695   9.046   1.00 0.00 ? 36 TYR A H    1 
ATOM 563 H HA   . TYR A 1 36 ? -3.117  2.333   8.353   1.00 0.00 ? 36 TYR A HA   1 
ATOM 564 H HB2  . TYR A 1 36 ? -3.106  1.146   10.521  1.00 0.00 ? 36 TYR A HB2  1 
ATOM 565 H HB3  . TYR A 1 36 ? -1.834  2.240   10.987  1.00 0.00 ? 36 TYR A HB3  1 
ATOM 566 H HD1  . TYR A 1 36 ? -2.650  4.791   10.009  1.00 0.00 ? 36 TYR A HD1  1 
ATOM 567 H HD2  . TYR A 1 36 ? -4.986  1.647   11.616  1.00 0.00 ? 36 TYR A HD2  1 
ATOM 568 H HE1  . TYR A 1 36 ? -4.362  6.440   10.692  1.00 0.00 ? 36 TYR A HE1  1 
ATOM 569 H HE2  . TYR A 1 36 ? -6.724  3.269   12.315  1.00 0.00 ? 36 TYR A HE2  1 
ATOM 570 H HH   . TYR A 1 36 ? -6.944  5.631   12.798  1.00 0.00 ? 36 TYR A HH   1 
ATOM 571 N N    . PRO A 1 37 ? -0.127  3.278   9.123   1.00 0.00 ? 37 PRO A N    1 
ATOM 572 C CA   . PRO A 1 37 ? 0.873   4.261   8.892   1.00 0.00 ? 37 PRO A CA   1 
ATOM 573 C C    . PRO A 1 37 ? 1.061   4.339   7.409   1.00 0.00 ? 37 PRO A C    1 
ATOM 574 O O    . PRO A 1 37 ? 1.564   5.315   6.855   1.00 0.00 ? 37 PRO A O    1 
ATOM 575 C CB   . PRO A 1 37 ? 2.099   3.764   9.654   1.00 0.00 ? 37 PRO A CB   1 
ATOM 576 C CG   . PRO A 1 37 ? 1.589   2.628   10.481  1.00 0.00 ? 37 PRO A CG   1 
ATOM 577 C CD   . PRO A 1 37 ? 0.414   2.116   9.707   1.00 0.00 ? 37 PRO A CD   1 
ATOM 578 H HA   . PRO A 1 37 ? 0.569   5.169   9.242   1.00 0.00 ? 37 PRO A HA   1 
ATOM 579 H HB2  . PRO A 1 37 ? 2.836   3.455   8.950   1.00 0.00 ? 37 PRO A HB2  1 
ATOM 580 H HB3  . PRO A 1 37 ? 2.491   4.559   10.271  1.00 0.00 ? 37 PRO A HB3  1 
ATOM 581 H HG2  . PRO A 1 37 ? 2.350   1.864   10.568  1.00 0.00 ? 37 PRO A HG2  1 
ATOM 582 H HG3  . PRO A 1 37 ? 1.286   2.976   11.456  1.00 0.00 ? 37 PRO A HG3  1 
ATOM 583 H HD2  . PRO A 1 37 ? 0.737   1.503   8.939   1.00 0.00 ? 37 PRO A HD2  1 
ATOM 584 H HD3  . PRO A 1 37 ? -0.332  1.624   10.300  1.00 0.00 ? 37 PRO A HD3  1 
ATOM 585 N N    . LEU A 1 38 ? 0.544   3.295   6.782   1.00 0.00 ? 38 LEU A N    1 
ATOM 586 C CA   . LEU A 1 38 ? 0.514   3.187   5.359   1.00 0.00 ? 38 LEU A CA   1 
ATOM 587 C C    . LEU A 1 38 ? -0.432  4.217   4.823   1.00 0.00 ? 38 LEU A C    1 
ATOM 588 O O    . LEU A 1 38 ? -0.096  5.080   4.017   1.00 0.00 ? 38 LEU A O    1 
ATOM 589 C CB   . LEU A 1 38 ? 0.003   1.823   4.953   1.00 0.00 ? 38 LEU A CB   1 
ATOM 590 C CG   . LEU A 1 38 ? 0.786   0.634   5.508   1.00 0.00 ? 38 LEU A CG   1 
ATOM 591 C CD1  . LEU A 1 38 ? 0.468   -0.626  4.724   1.00 0.00 ? 38 LEU A CD1  1 
ATOM 592 C CD2  . LEU A 1 38 ? 2.280   0.919   5.495   1.00 0.00 ? 38 LEU A CD2  1 
ATOM 593 H H    . LEU A 1 38 ? 0.124   2.586   7.316   1.00 0.00 ? 38 LEU A H    1 
ATOM 594 H HA   . LEU A 1 38 ? 1.479   3.358   4.999   1.00 0.00 ? 38 LEU A HA   1 
ATOM 595 H HB2  . LEU A 1 38 ? -1.020  1.746   5.289   1.00 0.00 ? 38 LEU A HB2  1 
ATOM 596 H HB3  . LEU A 1 38 ? -0.001  1.776   3.888   1.00 0.00 ? 38 LEU A HB3  1 
ATOM 597 H HG   . LEU A 1 38 ? 0.490   0.470   6.533   1.00 0.00 ? 38 LEU A HG   1 
ATOM 598 H HD11 . LEU A 1 38 ? 0.571   -0.429  3.667   1.00 0.00 ? 38 LEU A HD11 1 
ATOM 599 H HD12 . LEU A 1 38 ? 1.148   -1.412  5.012   1.00 0.00 ? 38 LEU A HD12 1 
ATOM 600 H HD13 . LEU A 1 38 ? -0.547  -0.932  4.936   1.00 0.00 ? 38 LEU A HD13 1 
ATOM 601 H HD21 . LEU A 1 38 ? 2.577   1.239   4.508   1.00 0.00 ? 38 LEU A HD21 1 
ATOM 602 H HD22 . LEU A 1 38 ? 2.499   1.701   6.209   1.00 0.00 ? 38 LEU A HD22 1 
ATOM 603 H HD23 . LEU A 1 38 ? 2.819   0.024   5.764   1.00 0.00 ? 38 LEU A HD23 1 
ATOM 604 N N    . ALA A 1 39 ? -1.624  4.118   5.303   1.00 0.00 ? 39 ALA A N    1 
ATOM 605 C CA   . ALA A 1 39 ? -2.656  5.058   4.910   1.00 0.00 ? 39 ALA A CA   1 
ATOM 606 C C    . ALA A 1 39 ? -2.215  6.460   5.236   1.00 0.00 ? 39 ALA A C    1 
ATOM 607 O O    . ALA A 1 39 ? -2.564  7.434   4.570   1.00 0.00 ? 39 ALA A O    1 
ATOM 608 C CB   . ALA A 1 39 ? -3.980  4.729   5.567   1.00 0.00 ? 39 ALA A CB   1 
ATOM 609 H H    . ALA A 1 39 ? -1.803  3.399   5.941   1.00 0.00 ? 39 ALA A H    1 
ATOM 610 H HA   . ALA A 1 39 ? -2.739  4.993   3.875   1.00 0.00 ? 39 ALA A HA   1 
ATOM 611 H HB1  . ALA A 1 39 ? -4.747  5.384   5.181   1.00 0.00 ? 39 ALA A HB1  1 
ATOM 612 H HB2  . ALA A 1 39 ? -3.886  4.872   6.635   1.00 0.00 ? 39 ALA A HB2  1 
ATOM 613 H HB3  . ALA A 1 39 ? -4.242  3.703   5.362   1.00 0.00 ? 39 ALA A HB3  1 
ATOM 614 N N    . SER A 1 40 ? -1.405  6.510   6.244   1.00 0.00 ? 40 SER A N    1 
ATOM 615 C CA   . SER A 1 40 ? -0.806  7.710   6.720   1.00 0.00 ? 40 SER A CA   1 
ATOM 616 C C    . SER A 1 40 ? 0.365   8.063   5.851   1.00 0.00 ? 40 SER A C    1 
ATOM 617 O O    . SER A 1 40 ? 0.825   9.203   5.788   1.00 0.00 ? 40 SER A O    1 
ATOM 618 C CB   . SER A 1 40 ? -0.335  7.467   8.129   1.00 0.00 ? 40 SER A CB   1 
ATOM 619 O OG   . SER A 1 40 ? -0.760  8.487   9.016   1.00 0.00 ? 40 SER A OG   1 
ATOM 620 H H    . SER A 1 40 ? -1.176  5.692   6.674   1.00 0.00 ? 40 SER A H    1 
ATOM 621 H HA   . SER A 1 40 ? -1.517  8.461   6.682   1.00 0.00 ? 40 SER A HA   1 
ATOM 622 H HB2  . SER A 1 40 ? -0.726  6.520   8.453   1.00 0.00 ? 40 SER A HB2  1 
ATOM 623 H HB3  . SER A 1 40 ? 0.736   7.415   8.127   1.00 0.00 ? 40 SER A HB3  1 
ATOM 624 H HG   . SER A 1 40 ? -0.111  8.595   9.716   1.00 0.00 ? 40 SER A HG   1 
ATOM 625 N N    . LEU A 1 41 ? 0.829   7.039   5.198   1.00 0.00 ? 41 LEU A N    1 
ATOM 626 C CA   . LEU A 1 41 ? 1.941   7.107   4.314   1.00 0.00 ? 41 LEU A CA   1 
ATOM 627 C C    . LEU A 1 41 ? 1.541   7.798   3.026   1.00 0.00 ? 41 LEU A C    1 
ATOM 628 O O    . LEU A 1 41 ? 2.379   8.226   2.233   1.00 0.00 ? 41 LEU A O    1 
ATOM 629 C CB   . LEU A 1 41 ? 2.407   5.670   4.114   1.00 0.00 ? 41 LEU A CB   1 
ATOM 630 C CG   . LEU A 1 41 ? 2.713   5.253   2.690   1.00 0.00 ? 41 LEU A CG   1 
ATOM 631 C CD1  . LEU A 1 41 ? 4.210   5.107   2.466   1.00 0.00 ? 41 LEU A CD1  1 
ATOM 632 C CD2  . LEU A 1 41 ? 1.980   3.965   2.382   1.00 0.00 ? 41 LEU A CD2  1 
ATOM 633 H H    . LEU A 1 41 ? 0.392   6.175   5.319   1.00 0.00 ? 41 LEU A H    1 
ATOM 634 H HA   . LEU A 1 41 ? 2.691   7.681   4.786   1.00 0.00 ? 41 LEU A HA   1 
ATOM 635 H HB2  . LEU A 1 41 ? 3.242   5.481   4.737   1.00 0.00 ? 41 LEU A HB2  1 
ATOM 636 H HB3  . LEU A 1 41 ? 1.622   5.039   4.465   1.00 0.00 ? 41 LEU A HB3  1 
ATOM 637 H HG   . LEU A 1 41 ? 2.338   6.010   2.030   1.00 0.00 ? 41 LEU A HG   1 
ATOM 638 H HD11 . LEU A 1 41 ? 4.653   4.600   3.310   1.00 0.00 ? 41 LEU A HD11 1 
ATOM 639 H HD12 . LEU A 1 41 ? 4.386   4.532   1.567   1.00 0.00 ? 41 LEU A HD12 1 
ATOM 640 H HD13 . LEU A 1 41 ? 4.656   6.085   2.359   1.00 0.00 ? 41 LEU A HD13 1 
ATOM 641 H HD21 . LEU A 1 41 ? 1.145   3.870   3.065   1.00 0.00 ? 41 LEU A HD21 1 
ATOM 642 H HD22 . LEU A 1 41 ? 1.615   3.990   1.366   1.00 0.00 ? 41 LEU A HD22 1 
ATOM 643 H HD23 . LEU A 1 41 ? 2.646   3.127   2.510   1.00 0.00 ? 41 LEU A HD23 1 
ATOM 644 N N    . ARG A 1 42 ? 0.246   7.937   2.867   1.00 0.00 ? 42 ARG A N    1 
ATOM 645 C CA   . ARG A 1 42 ? -0.325  8.621   1.721   1.00 0.00 ? 42 ARG A CA   1 
ATOM 646 C C    . ARG A 1 42 ? -0.820  9.988   2.139   1.00 0.00 ? 42 ARG A C    1 
ATOM 647 O O    . ARG A 1 42 ? -1.558  10.653  1.419   1.00 0.00 ? 42 ARG A O    1 
ATOM 648 C CB   . ARG A 1 42 ? -1.441  7.807   1.085   1.00 0.00 ? 42 ARG A CB   1 
ATOM 649 C CG   . ARG A 1 42 ? -1.008  6.409   0.684   1.00 0.00 ? 42 ARG A CG   1 
ATOM 650 C CD   . ARG A 1 42 ? 0.235   6.454   -0.215  1.00 0.00 ? 42 ARG A CD   1 
ATOM 651 N NE   . ARG A 1 42 ? 0.283   5.330   -1.142  1.00 0.00 ? 42 ARG A NE   1 
ATOM 652 C CZ   . ARG A 1 42 ? 1.203   5.162   -2.107  1.00 0.00 ? 42 ARG A CZ   1 
ATOM 653 N NH1  . ARG A 1 42 ? 2.186   6.046   -2.309  1.00 0.00 ? 42 ARG A NH1  1 
ATOM 654 N NH2  . ARG A 1 42 ? 1.136   4.090   -2.885  1.00 0.00 ? 42 ARG A NH2  1 
ATOM 655 H H    . ARG A 1 42 ? -0.337  7.599   3.569   1.00 0.00 ? 42 ARG A H    1 
ATOM 656 H HA   . ARG A 1 42 ? 0.460   8.765   1.003   1.00 0.00 ? 42 ARG A HA   1 
ATOM 657 H HB2  . ARG A 1 42 ? -2.263  7.728   1.780   1.00 0.00 ? 42 ARG A HB2  1 
ATOM 658 H HB3  . ARG A 1 42 ? -1.770  8.323   0.200   1.00 0.00 ? 42 ARG A HB3  1 
ATOM 659 H HG2  . ARG A 1 42 ? -0.784  5.844   1.583   1.00 0.00 ? 42 ARG A HG2  1 
ATOM 660 H HG3  . ARG A 1 42 ? -1.822  5.932   0.151   1.00 0.00 ? 42 ARG A HG3  1 
ATOM 661 H HD2  . ARG A 1 42 ? 0.218   7.372   -0.785  1.00 0.00 ? 42 ARG A HD2  1 
ATOM 662 H HD3  . ARG A 1 42 ? 1.117   6.435   0.408   1.00 0.00 ? 42 ARG A HD3  1 
ATOM 663 H HE   . ARG A 1 42 ? -0.413  4.652   -1.045  1.00 0.00 ? 42 ARG A HE   1 
ATOM 664 H HH11 . ARG A 1 42 ? 2.264   6.865   -1.743  1.00 0.00 ? 42 ARG A HH11 1 
ATOM 665 H HH12 . ARG A 1 42 ? 2.855   5.884   -3.038  1.00 0.00 ? 42 ARG A HH12 1 
ATOM 666 H HH21 . ARG A 1 42 ? 0.408   3.419   -2.750  1.00 0.00 ? 42 ARG A HH21 1 
ATOM 667 H HH22 . ARG A 1 42 ? 1.815   3.954   -3.606  1.00 0.00 ? 42 ARG A HH22 1 
ATOM 668 N N    . SER A 1 43 ? -0.382  10.386  3.320   1.00 0.00 ? 43 SER A N    1 
ATOM 669 C CA   . SER A 1 43 ? -0.696  11.641  3.899   1.00 0.00 ? 43 SER A CA   1 
ATOM 670 C C    . SER A 1 43 ? 0.533   12.477  3.974   1.00 0.00 ? 43 SER A C    1 
ATOM 671 O O    . SER A 1 43 ? 0.598   13.593  3.460   1.00 0.00 ? 43 SER A O    1 
ATOM 672 C CB   . SER A 1 43 ? -1.264  11.418  5.273   1.00 0.00 ? 43 SER A CB   1 
ATOM 673 O OG   . SER A 1 43 ? -1.955  12.559  5.753   1.00 0.00 ? 43 SER A OG   1 
ATOM 674 H H    . SER A 1 43 ? 0.171   9.806   3.823   1.00 0.00 ? 43 SER A H    1 
ATOM 675 H HA   . SER A 1 43 ? -1.359  12.104  3.297   1.00 0.00 ? 43 SER A HA   1 
ATOM 676 H HB2  . SER A 1 43 ? -1.931  10.580  5.242   1.00 0.00 ? 43 SER A HB2  1 
ATOM 677 H HB3  . SER A 1 43 ? -0.450  11.193  5.928   1.00 0.00 ? 43 SER A HB3  1 
ATOM 678 H HG   . SER A 1 43 ? -2.303  12.378  6.628   1.00 0.00 ? 43 SER A HG   1 
ATOM 679 N N    . LEU A 1 44 ? 1.512   11.900  4.593   1.00 0.00 ? 44 LEU A N    1 
ATOM 680 C CA   . LEU A 1 44 ? 2.791   12.555  4.721   1.00 0.00 ? 44 LEU A CA   1 
ATOM 681 C C    . LEU A 1 44 ? 3.474   12.615  3.376   1.00 0.00 ? 44 LEU A C    1 
ATOM 682 O O    . LEU A 1 44 ? 4.464   13.323  3.190   1.00 0.00 ? 44 LEU A O    1 
ATOM 683 C CB   . LEU A 1 44 ? 3.682   11.904  5.796   1.00 0.00 ? 44 LEU A CB   1 
ATOM 684 C CG   . LEU A 1 44 ? 4.244   10.507  5.479   1.00 0.00 ? 44 LEU A CG   1 
ATOM 685 C CD1  . LEU A 1 44 ? 5.112   10.534  4.232   1.00 0.00 ? 44 LEU A CD1  1 
ATOM 686 C CD2  . LEU A 1 44 ? 5.043   9.983   6.663   1.00 0.00 ? 44 LEU A CD2  1 
ATOM 687 H H    . LEU A 1 44 ? 1.363   11.011  4.947   1.00 0.00 ? 44 LEU A H    1 
ATOM 688 H HA   . LEU A 1 44 ? 2.573   13.552  4.989   1.00 0.00 ? 44 LEU A HA   1 
ATOM 689 H HB2  . LEU A 1 44 ? 4.517   12.564  5.980   1.00 0.00 ? 44 LEU A HB2  1 
ATOM 690 H HB3  . LEU A 1 44 ? 3.104   11.832  6.707   1.00 0.00 ? 44 LEU A HB3  1 
ATOM 691 H HG   . LEU A 1 44 ? 3.431   9.822   5.302   1.00 0.00 ? 44 LEU A HG   1 
ATOM 692 H HD11 . LEU A 1 44 ? 5.576   11.504  4.138   1.00 0.00 ? 44 LEU A HD11 1 
ATOM 693 H HD12 . LEU A 1 44 ? 5.874   9.773   4.306   1.00 0.00 ? 44 LEU A HD12 1 
ATOM 694 H HD13 . LEU A 1 44 ? 4.496   10.344  3.364   1.00 0.00 ? 44 LEU A HD13 1 
ATOM 695 H HD21 . LEU A 1 44 ? 5.748   10.736  6.982   1.00 0.00 ? 44 LEU A HD21 1 
ATOM 696 H HD22 . LEU A 1 44 ? 4.370   9.752   7.476   1.00 0.00 ? 44 LEU A HD22 1 
ATOM 697 H HD23 . LEU A 1 44 ? 5.575   9.091   6.371   1.00 0.00 ? 44 LEU A HD23 1 
ATOM 698 N N    . PHE A 1 45 ? 2.902   11.899  2.433   1.00 0.00 ? 45 PHE A N    1 
ATOM 699 C CA   . PHE A 1 45 ? 3.397   11.885  1.089   1.00 0.00 ? 45 PHE A CA   1 
ATOM 700 C C    . PHE A 1 45 ? 3.271   13.282  0.480   1.00 0.00 ? 45 PHE A C    1 
ATOM 701 O O    . PHE A 1 45 ? 3.969   13.618  -0.477  1.00 0.00 ? 45 PHE A O    1 
ATOM 702 C CB   . PHE A 1 45 ? 2.626   10.851  0.264   1.00 0.00 ? 45 PHE A CB   1 
ATOM 703 C CG   . PHE A 1 45 ? 1.225   11.312  -0.150  1.00 0.00 ? 45 PHE A CG   1 
ATOM 704 C CD1  . PHE A 1 45 ? 0.516   12.196  0.665   1.00 0.00 ? 45 PHE A CD1  1 
ATOM 705 C CD2  . PHE A 1 45 ? 0.618   10.899  -1.353  1.00 0.00 ? 45 PHE A CD2  1 
ATOM 706 C CE1  . PHE A 1 45 ? -0.736  12.653  0.303   1.00 0.00 ? 45 PHE A CE1  1 
ATOM 707 C CE2  . PHE A 1 45 ? -0.639  11.357  -1.700  1.00 0.00 ? 45 PHE A CE2  1 
ATOM 708 C CZ   . PHE A 1 45 ? -1.314  12.234  -0.876  1.00 0.00 ? 45 PHE A CZ   1 
ATOM 709 H H    . PHE A 1 45 ? 2.109   11.387  2.645   1.00 0.00 ? 45 PHE A H    1 
ATOM 710 H HA   . PHE A 1 45 ? 4.429   11.605  1.131   1.00 0.00 ? 45 PHE A HA   1 
ATOM 711 H HB2  . PHE A 1 45 ? 3.196   10.620  -0.613  1.00 0.00 ? 45 PHE A HB2  1 
ATOM 712 H HB3  . PHE A 1 45 ? 2.533   9.959   0.855   1.00 0.00 ? 45 PHE A HB3  1 
ATOM 713 H HD1  . PHE A 1 45 ? 0.952   12.528  1.603   1.00 0.00 ? 45 PHE A HD1  1 
ATOM 714 H HD2  . PHE A 1 45 ? 1.119   10.208  -2.017  1.00 0.00 ? 45 PHE A HD2  1 
ATOM 715 H HE1  . PHE A 1 45 ? -1.268  13.336  0.949   1.00 0.00 ? 45 PHE A HE1  1 
ATOM 716 H HE2  . PHE A 1 45 ? -1.094  11.031  -2.624  1.00 0.00 ? 45 PHE A HE2  1 
ATOM 717 H HZ   . PHE A 1 45 ? -2.292  12.594  -1.157  1.00 0.00 ? 45 PHE A HZ   1 
ATOM 718 N N    . GLY A 1 46 ? 2.367   14.098  1.047   1.00 0.00 ? 46 GLY A N    1 
ATOM 719 C CA   . GLY A 1 46 ? 2.170   15.444  0.542   1.00 0.00 ? 46 GLY A CA   1 
ATOM 720 C C    . GLY A 1 46 ? 3.042   16.465  1.248   1.00 0.00 ? 46 GLY A C    1 
ATOM 721 O O    . GLY A 1 46 ? 2.583   17.556  1.583   1.00 0.00 ? 46 GLY A O    1 
ATOM 722 H H    . GLY A 1 46 ? 1.823   13.775  1.816   1.00 0.00 ? 46 GLY A H    1 
ATOM 723 H HA2  . GLY A 1 46 ? 2.401   15.459  -0.512  1.00 0.00 ? 46 GLY A HA2  1 
ATOM 724 H HA3  . GLY A 1 46 ? 1.134   15.719  0.677   1.00 0.00 ? 46 GLY A HA3  1 
ATOM 725 N N    . SER A 1 47 ? 4.302   16.109  1.475   1.00 0.00 ? 47 SER A N    1 
ATOM 726 C CA   . SER A 1 47 ? 5.241   17.003  2.144   1.00 0.00 ? 47 SER A CA   1 
ATOM 727 C C    . SER A 1 47 ? 6.648   16.825  1.586   1.00 0.00 ? 47 SER A C    1 
ATOM 728 O O    . SER A 1 47 ? 7.631   16.855  2.327   1.00 0.00 ? 47 SER A O    1 
ATOM 729 C CB   . SER A 1 47 ? 5.238   16.744  3.653   1.00 0.00 ? 47 SER A CB   1 
ATOM 730 O OG   . SER A 1 47 ? 5.644   15.418  3.942   1.00 0.00 ? 47 SER A OG   1 
ATOM 731 H H    . SER A 1 47 ? 4.609   15.226  1.183   1.00 0.00 ? 47 SER A H    1 
ATOM 732 H HA   . SER A 1 47 ? 4.919   18.017  1.959   1.00 0.00 ? 47 SER A HA   1 
ATOM 733 H HB2  . SER A 1 47 ? 5.920   17.429  4.135   1.00 0.00 ? 47 SER A HB2  1 
ATOM 734 H HB3  . SER A 1 47 ? 4.240   16.896  4.039   1.00 0.00 ? 47 SER A HB3  1 
ATOM 735 H HG   . SER A 1 47 ? 6.431   15.436  4.491   1.00 0.00 ? 47 SER A HG   1 
ATOM 736 N N    . ASP A 1 48 ? 6.738   16.638  0.274   1.00 0.00 ? 48 ASP A N    1 
ATOM 737 C CA   . ASP A 1 48 ? 8.022   16.454  -0.388  1.00 0.00 ? 48 ASP A CA   1 
ATOM 738 C C    . ASP A 1 48 ? 8.378   17.674  -1.237  1.00 0.00 ? 48 ASP A C    1 
ATOM 739 O O    . ASP A 1 48 ? 7.956   17.780  -2.389  1.00 0.00 ? 48 ASP A O    1 
ATOM 740 C CB   . ASP A 1 48 ? 7.989   15.202  -1.264  1.00 0.00 ? 48 ASP A CB   1 
ATOM 741 C CG   . ASP A 1 48 ? 9.270   14.398  -1.174  1.00 0.00 ? 48 ASP A CG   1 
ATOM 742 O OD1  . ASP A 1 48 ? 9.924   14.440  -0.111  1.00 0.00 ? 48 ASP A OD1  1 
ATOM 743 O OD2  . ASP A 1 48 ? 9.619   13.723  -2.166  1.00 0.00 ? 48 ASP A OD2  1 
ATOM 744 H H    . ASP A 1 48 ? 5.918   16.623  -0.263  1.00 0.00 ? 48 ASP A H    1 
ATOM 745 H HA   . ASP A 1 48 ? 8.773   16.326  0.372   1.00 0.00 ? 48 ASP A HA   1 
ATOM 746 H HB2  . ASP A 1 48 ? 7.167   14.574  -0.952  1.00 0.00 ? 48 ASP A HB2  1 
ATOM 747 H HB3  . ASP A 1 48 ? 7.841   15.496  -2.290  1.00 0.00 ? 48 ASP A HB3  1 
ATOM 748 N N    . PRO A 1 49 ? 9.160   18.615  -0.679  1.00 0.00 ? 49 PRO A N    1 
ATOM 749 C CA   . PRO A 1 49 ? 9.566   19.829  -1.396  1.00 0.00 ? 49 PRO A CA   1 
ATOM 750 C C    . PRO A 1 49 ? 10.510  19.527  -2.554  1.00 0.00 ? 49 PRO A C    1 
ATOM 751 O O    . PRO A 1 49 ? 11.653  19.118  -2.347  1.00 0.00 ? 49 PRO A O    1 
ATOM 752 C CB   . PRO A 1 49 ? 10.280  20.658  -0.326  1.00 0.00 ? 49 PRO A CB   1 
ATOM 753 C CG   . PRO A 1 49 ? 10.742  19.664  0.683   1.00 0.00 ? 49 PRO A CG   1 
ATOM 754 C CD   . PRO A 1 49 ? 9.709   18.572  0.689   1.00 0.00 ? 49 PRO A CD   1 
ATOM 755 H HA   . PRO A 1 49 ? 8.710   20.373  -1.766  1.00 0.00 ? 49 PRO A HA   1 
ATOM 756 H HB2  . PRO A 1 49 ? 11.110  21.185  -0.770  1.00 0.00 ? 49 PRO A HB2  1 
ATOM 757 H HB3  . PRO A 1 49 ? 9.587   21.365  0.107   1.00 0.00 ? 49 PRO A HB3  1 
ATOM 758 H HG2  . PRO A 1 49 ? 11.704  19.268  0.394   1.00 0.00 ? 49 PRO A HG2  1 
ATOM 759 H HG3  . PRO A 1 49 ? 10.802  20.128  1.656   1.00 0.00 ? 49 PRO A HG3  1 
ATOM 760 H HD2  . PRO A 1 49 ? 10.172  17.617  0.890   1.00 0.00 ? 49 PRO A HD2  1 
ATOM 761 H HD3  . PRO A 1 49 ? 8.941   18.783  1.419   1.00 0.00 ? 49 PRO A HD3  1 
ATOM 762 N N    . SER A 1 50 ? 10.025  19.731  -3.775  1.00 0.00 ? 50 SER A N    1 
ATOM 763 C CA   . SER A 1 50 ? 10.826  19.480  -4.968  1.00 0.00 ? 50 SER A CA   1 
ATOM 764 C C    . SER A 1 50 ? 12.035  20.409  -5.017  1.00 0.00 ? 50 SER A C    1 
ATOM 765 O O    . SER A 1 50 ? 11.974  21.494  -5.597  1.00 0.00 ? 50 SER A O    1 
ATOM 766 C CB   . SER A 1 50 ? 9.973   19.661  -6.227  1.00 0.00 ? 50 SER A CB   1 
ATOM 767 O OG   . SER A 1 50 ? 9.960   18.479  -7.008  1.00 0.00 ? 50 SER A OG   1 
ATOM 768 H H    . SER A 1 50 ? 9.106   20.057  -3.876  1.00 0.00 ? 50 SER A H    1 
ATOM 769 H HA   . SER A 1 50 ? 11.173  18.459  -4.924  1.00 0.00 ? 50 SER A HA   1 
ATOM 770 H HB2  . SER A 1 50 ? 8.959   19.897  -5.940  1.00 0.00 ? 50 SER A HB2  1 
ATOM 771 H HB3  . SER A 1 50 ? 10.376  20.467  -6.821  1.00 0.00 ? 50 SER A HB3  1 
ATOM 772 H HG   . SER A 1 50 ? 9.269   17.893  -6.692  1.00 0.00 ? 50 SER A HG   1 
ATOM 773 N N    . SER A 1 51 ? 13.132  19.976  -4.407  1.00 0.00 ? 51 SER A N    1 
ATOM 774 C CA   . SER A 1 51 ? 14.356  20.768  -4.381  1.00 0.00 ? 51 SER A CA   1 
ATOM 775 C C    . SER A 1 51 ? 15.561  19.920  -4.774  1.00 0.00 ? 51 SER A C    1 
ATOM 776 O O    . SER A 1 51 ? 16.245  19.360  -3.917  1.00 0.00 ? 51 SER A O    1 
ATOM 777 C CB   . SER A 1 51 ? 14.570  21.369  -2.990  1.00 0.00 ? 51 SER A CB   1 
ATOM 778 O OG   . SER A 1 51 ? 15.910  21.799  -2.820  1.00 0.00 ? 51 SER A OG   1 
ATOM 779 H H    . SER A 1 51 ? 13.119  19.102  -3.962  1.00 0.00 ? 51 SER A H    1 
ATOM 780 H HA   . SER A 1 51 ? 14.247  21.570  -5.097  1.00 0.00 ? 51 SER A HA   1 
ATOM 781 H HB2  . SER A 1 51 ? 13.915  22.217  -2.862  1.00 0.00 ? 51 SER A HB2  1 
ATOM 782 H HB3  . SER A 1 51 ? 14.346  20.623  -2.242  1.00 0.00 ? 51 SER A HB3  1 
ATOM 783 H HG   . SER A 1 51 ? 16.254  21.455  -1.992  1.00 0.00 ? 51 SER A HG   1 
ATOM 784 N N    . GLN A 1 52 ? 15.816  19.829  -6.075  1.00 0.00 ? 52 GLN A N    1 
ATOM 785 C CA   . GLN A 1 52 ? 16.938  19.049  -6.582  1.00 0.00 ? 52 GLN A CA   1 
ATOM 786 C C    . GLN A 1 52 ? 18.133  19.947  -6.886  1.00 0.00 ? 52 GLN A C    1 
ATOM 787 O O    . GLN A 1 52 ? 19.277  19.455  -6.810  1.00 0.00 ? 52 GLN A O    1 
ATOM 788 C CB   . GLN A 1 52 ? 16.527  18.284  -7.842  1.00 0.00 ? 52 GLN A CB   1 
ATOM 789 C CG   . GLN A 1 52 ? 17.153  16.902  -7.945  1.00 0.00 ? 52 GLN A CG   1 
ATOM 790 C CD   . GLN A 1 52 ? 16.812  16.204  -9.247  1.00 0.00 ? 52 GLN A CD   1 
ATOM 791 O OE1  . GLN A 1 52 ? 17.553  16.292  -10.226 1.00 0.00 ? 52 GLN A OE1  1 
ATOM 792 N NE2  . GLN A 1 52 ? 15.682  15.506  -9.266  1.00 0.00 ? 52 GLN A NE2  1 
ATOM 793 O OXT  . GLN A 1 52 ? 17.912  21.137  -7.198  1.00 0.00 ? 52 GLN A OXT  1 
ATOM 794 H H    . GLN A 1 52 ? 15.235  20.298  -6.709  1.00 0.00 ? 52 GLN A H    1 
ATOM 795 H HA   . GLN A 1 52 ? 17.221  18.340  -5.818  1.00 0.00 ? 52 GLN A HA   1 
ATOM 796 H HB2  . GLN A 1 52 ? 15.453  18.170  -7.845  1.00 0.00 ? 52 GLN A HB2  1 
ATOM 797 H HB3  . GLN A 1 52 ? 16.822  18.855  -8.709  1.00 0.00 ? 52 GLN A HB3  1 
ATOM 798 H HG2  . GLN A 1 52 ? 18.225  17.001  -7.879  1.00 0.00 ? 52 GLN A HG2  1 
ATOM 799 H HG3  . GLN A 1 52 ? 16.796  16.297  -7.125  1.00 0.00 ? 52 GLN A HG3  1 
ATOM 800 H HE21 . GLN A 1 52 ? 15.140  15.480  -8.450  1.00 0.00 ? 52 GLN A HE21 1 
ATOM 801 H HE22 . GLN A 1 52 ? 15.437  15.044  -10.095 1.00 0.00 ? 52 GLN A HE22 1 
# 
